data_2V0C
#
_entry.id   2V0C
#
_cell.length_a   101.830
_cell.length_b   154.230
_cell.length_c   174.950
_cell.angle_alpha   90.00
_cell.angle_beta   90.00
_cell.angle_gamma   90.00
#
_symmetry.space_group_name_H-M   'C 2 2 21'
#
loop_
_entity.id
_entity.type
_entity.pdbx_description
1 polymer 'AMINOACYL-TRNA SYNTHETASE'
2 non-polymer LEUCINE
3 non-polymer '[(2R,3S,4R,5R)-5-(6-AMINO-9H-PURIN-9-YL)-3,4-DIHYDROXYTETRAHYDRO-2-FURANYL]METHYL SULFAMATE'
4 non-polymer 'ZINC ION'
5 non-polymer "[(6-AMINO-9H-PURIN-9-YL)-[5-FLUORO-1,3-DIHYDRO-1-HYDROXY-2,1-BENZOXABOROLE]-4'YL]METHYL DIHYDROGEN PHOSPHATE"
6 non-polymer 'SULFATE ION'
7 water water
#
_entity_poly.entity_id   1
_entity_poly.type   'polypeptide(L)'
_entity_poly.pdbx_seq_one_letter_code
;MEKYNPHAIEAKWQRFWEEKGFMKAKDLPGGRGKQYVLVMFPYPSGDLHMGHLKNYTMGDVLARFRRMQGYEVLHPMGWD
AFGLPAENAALKFGVHPKDWTYANIRQAKESLRLMGILYDWDREVTTCEPEYYRWNQWIFLKMWEKGLAYRAKGLVNWCP
KCQTVLANEQVVEGRCWRHEDTPVEKRELEQWYLRITAYAERLLKDLEGLNWPEKVKAMQRAWIGRSEGAEILFPVEGKE
VRIPVFTTRPDTLFGATFLVLAPEHPLTLELAAPEKREEVLAYVEAAKRKTEIERQAEGREKTGVFLGAYALNPATGERI
PIWTADYVLFGYGTGAIMAVPAHDQRDYEFARKFGLPIKKVIERPGEPLPEPLERAYEEPGIMVNSGPFDGTESEEGKRK
VIAWLEEKGLGKGRVTYRLRDWLISRQRYWGTPIPMVHCEACGVVPVPEEELPVLLPDLKDVEDIRPKGKSPLEAHPEFY
ETTCPKCGGPAKRDTDTMDTFFDSSWYYLRYTDPHNDRLPFDPEKANAWMPVDQYIGGVEHAVLHLLYSRFFTKFLHDLG
MVKVEEPFQGLFTQGMVLAWTDFGPVEVEGSVVRLPEPTRIRLEIPESALSLEDVRKMGAELRPHEDGTLHLWKPAVMSK
SKGNGVMVGPFVKEQGADIARITILFAAPPENEMVWTEEGVQGAWRFLNRIYRRVAEDREALLETSGVFQAEALEGKDRE
LYGKLHETLKKVTEDLEALRFNTAIAALMEFLNALYEYRKDRPVTPVYRTAIRYYLQMLFPFAPHLAEELWHWFWPDSLF
EAGWPELDEKALEKDVVEVAVQVNGAVAGTIHIPKDAPLEVARAEALKVRNVRAHLEGKEVVKEIYVPGKILNLVVRG
;
_entity_poly.pdbx_strand_id   A
#
loop_
_chem_comp.id
_chem_comp.type
_chem_comp.name
_chem_comp.formula
ANZ non-polymer '[(6-AMINO-9H-PURIN-9-YL)-[5-FLUORO-1,3-DIHYDRO-1-HYDROXY-2,1-BENZOXABOROLE]-4'YL]METHYL DIHYDROGEN PHOSPHATE' 'C17 H17 B F N5 O8 P -1'
LMS RNA linking '[(2R,3S,4R,5R)-5-(6-AMINO-9H-PURIN-9-YL)-3,4-DIHYDROXYTETRAHYDRO-2-FURANYL]METHYL SULFAMATE' 'C10 H14 N6 O6 S'
SO4 non-polymer 'SULFATE ION' 'O4 S -2'
ZN non-polymer 'ZINC ION' 'Zn 2'
#
# COMPACT_ATOMS: atom_id res chain seq x y z
N MET A 1 -25.52 37.49 24.88
CA MET A 1 -24.98 36.14 25.19
C MET A 1 -23.65 35.94 24.46
N GLU A 2 -22.71 35.26 25.12
CA GLU A 2 -21.40 35.01 24.53
C GLU A 2 -21.47 33.88 23.49
N LYS A 3 -20.44 33.82 22.66
CA LYS A 3 -20.39 32.88 21.55
C LYS A 3 -19.31 31.83 21.75
N TYR A 4 -19.44 30.73 21.01
CA TYR A 4 -18.39 29.71 20.98
C TYR A 4 -17.05 30.35 20.64
N ASN A 5 -16.03 29.97 21.41
CA ASN A 5 -14.68 30.51 21.24
C ASN A 5 -13.63 29.40 21.46
N PRO A 6 -13.07 28.86 20.35
CA PRO A 6 -12.24 27.67 20.48
C PRO A 6 -10.89 27.96 21.12
N HIS A 7 -10.52 29.23 21.17
CA HIS A 7 -9.25 29.63 21.74
C HIS A 7 -9.25 29.36 23.24
N ALA A 8 -8.09 28.95 23.68
CA ALA A 8 -7.87 28.53 25.05
C ALA A 8 -8.49 27.20 25.43
N ILE A 9 -9.78 26.97 25.13
CA ILE A 9 -10.39 25.74 25.63
C ILE A 9 -9.71 24.47 25.10
N GLU A 10 -9.19 24.56 23.88
CA GLU A 10 -8.62 23.37 23.23
C GLU A 10 -7.29 22.95 23.86
N ALA A 11 -6.39 23.91 24.06
CA ALA A 11 -5.12 23.68 24.78
C ALA A 11 -5.38 23.10 26.17
N LYS A 12 -6.39 23.62 26.86
CA LYS A 12 -6.76 23.17 28.22
C LYS A 12 -7.15 21.69 28.24
N TRP A 13 -8.04 21.28 27.34
CA TRP A 13 -8.47 19.89 27.27
C TRP A 13 -7.43 18.92 26.73
N GLN A 14 -6.61 19.38 25.79
CA GLN A 14 -5.47 18.62 25.25
C GLN A 14 -4.50 18.18 26.36
N ARG A 15 -4.14 19.12 27.23
CA ARG A 15 -3.27 18.80 28.36
C ARG A 15 -3.96 17.87 29.35
N PHE A 16 -5.23 18.15 29.66
CA PHE A 16 -6.04 17.32 30.56
C PHE A 16 -6.10 15.86 30.13
N TRP A 17 -6.43 15.63 28.86
CA TRP A 17 -6.57 14.27 28.41
C TRP A 17 -5.21 13.53 28.49
N GLU A 18 -4.14 14.22 28.17
CA GLU A 18 -2.80 13.59 28.19
C GLU A 18 -2.37 13.27 29.62
N GLU A 19 -2.50 14.23 30.53
CA GLU A 19 -2.21 14.03 31.97
C GLU A 19 -2.97 12.90 32.57
N LYS A 20 -4.26 12.79 32.25
CA LYS A 20 -5.10 11.74 32.78
C LYS A 20 -4.81 10.36 32.18
N GLY A 21 -4.20 10.32 31.00
CA GLY A 21 -3.79 9.06 30.39
C GLY A 21 -4.95 8.21 29.93
N PHE A 22 -6.05 8.86 29.52
CA PHE A 22 -7.25 8.14 29.12
C PHE A 22 -6.98 7.17 27.96
N MET A 23 -6.03 7.50 27.10
CA MET A 23 -5.70 6.65 25.92
C MET A 23 -4.45 5.77 26.06
N LYS A 24 -3.97 5.62 27.30
CA LYS A 24 -2.95 4.62 27.63
C LYS A 24 -3.59 3.25 27.47
N ALA A 25 -2.90 2.34 26.79
CA ALA A 25 -3.37 0.99 26.55
C ALA A 25 -2.72 0.02 27.53
N LYS A 26 -3.51 -0.88 28.10
CA LYS A 26 -3.01 -1.93 29.02
C LYS A 26 -2.05 -2.88 28.33
N ASP A 27 -1.05 -3.37 29.06
CA ASP A 27 -0.11 -4.33 28.48
C ASP A 27 -0.85 -5.56 28.00
N LEU A 28 -1.76 -6.10 28.80
CA LEU A 28 -2.63 -7.21 28.35
C LEU A 28 -4.07 -6.75 28.63
N PRO A 29 -4.92 -6.70 27.58
CA PRO A 29 -6.34 -6.41 27.84
C PRO A 29 -7.12 -7.58 28.41
N GLY A 33 -12.91 -6.94 26.51
CA GLY A 33 -13.02 -6.53 25.11
C GLY A 33 -11.92 -5.56 24.77
N LYS A 34 -11.29 -5.77 23.61
CA LYS A 34 -10.24 -4.89 23.11
C LYS A 34 -10.56 -4.41 21.70
N GLN A 35 -9.98 -3.27 21.36
CA GLN A 35 -10.02 -2.74 20.00
C GLN A 35 -8.68 -2.16 19.70
N TYR A 36 -8.06 -2.67 18.64
CA TYR A 36 -6.82 -2.13 18.13
C TYR A 36 -7.17 -1.32 16.89
N VAL A 37 -7.05 0.00 17.05
CA VAL A 37 -7.35 0.99 16.03
C VAL A 37 -6.04 1.59 15.54
N LEU A 38 -5.68 1.28 14.31
CA LEU A 38 -4.37 1.59 13.79
C LEU A 38 -4.47 2.50 12.57
N VAL A 39 -3.63 3.51 12.53
CA VAL A 39 -3.48 4.36 11.36
C VAL A 39 -2.06 4.22 10.83
N MET A 40 -1.92 4.35 9.52
CA MET A 40 -0.64 4.22 8.86
C MET A 40 0.33 5.31 9.32
N PHE A 41 1.36 4.90 10.04
CA PHE A 41 2.34 5.84 10.60
C PHE A 41 3.11 6.59 9.49
N PRO A 42 3.40 7.90 9.69
CA PRO A 42 3.93 8.68 8.60
C PRO A 42 5.43 8.58 8.41
N TYR A 43 5.85 8.81 7.18
CA TYR A 43 7.22 9.18 6.85
C TYR A 43 7.43 10.61 7.38
N PRO A 44 8.46 10.82 8.21
CA PRO A 44 8.73 12.20 8.66
C PRO A 44 9.55 12.91 7.60
N SER A 45 8.95 13.10 6.43
CA SER A 45 9.61 13.67 5.25
C SER A 45 9.18 15.14 5.00
N GLY A 46 8.27 15.67 5.80
CA GLY A 46 7.80 17.04 5.61
C GLY A 46 6.78 17.38 6.66
N ASP A 47 6.12 18.52 6.51
CA ASP A 47 5.05 18.94 7.41
C ASP A 47 3.87 18.05 7.20
N LEU A 48 3.17 17.69 8.28
CA LEU A 48 1.81 17.11 8.18
C LEU A 48 0.82 18.22 7.77
N HIS A 49 -0.14 17.87 6.92
CA HIS A 49 -1.20 18.78 6.51
C HIS A 49 -2.56 18.12 6.77
N MET A 50 -3.65 18.81 6.39
CA MET A 50 -4.98 18.29 6.61
C MET A 50 -5.30 16.95 5.92
N GLY A 51 -4.53 16.60 4.89
CA GLY A 51 -4.70 15.30 4.29
C GLY A 51 -4.29 14.22 5.27
N HIS A 52 -3.07 14.32 5.81
CA HIS A 52 -2.62 13.37 6.84
C HIS A 52 -3.62 13.35 7.99
N LEU A 53 -4.09 14.55 8.36
CA LEU A 53 -5.02 14.69 9.45
C LEU A 53 -6.41 14.16 9.19
N LYS A 54 -6.82 13.98 7.93
CA LYS A 54 -8.05 13.24 7.70
C LYS A 54 -7.82 11.78 8.20
N ASN A 55 -6.75 11.14 7.74
CA ASN A 55 -6.41 9.77 8.18
C ASN A 55 -6.38 9.68 9.71
N TYR A 56 -5.71 10.63 10.34
CA TYR A 56 -5.43 10.53 11.77
C TYR A 56 -6.58 10.96 12.65
N THR A 57 -7.40 11.90 12.19
CA THR A 57 -8.66 12.27 12.88
C THR A 57 -9.60 11.09 12.82
N MET A 58 -9.65 10.38 11.68
CA MET A 58 -10.54 9.21 11.58
C MET A 58 -10.23 8.16 12.66
N GLY A 59 -8.96 7.91 12.88
CA GLY A 59 -8.57 6.94 13.88
C GLY A 59 -8.93 7.43 15.27
N ASP A 60 -8.72 8.72 15.51
CA ASP A 60 -9.05 9.34 16.81
C ASP A 60 -10.57 9.24 17.15
N VAL A 61 -11.42 9.49 16.17
CA VAL A 61 -12.86 9.34 16.32
C VAL A 61 -13.18 7.95 16.80
N LEU A 62 -12.68 6.94 16.08
CA LEU A 62 -12.99 5.55 16.42
C LEU A 62 -12.40 5.16 17.79
N ALA A 63 -11.17 5.60 18.06
CA ALA A 63 -10.49 5.31 19.34
C ALA A 63 -11.23 5.89 20.54
N ARG A 64 -11.67 7.14 20.41
CA ARG A 64 -12.48 7.77 21.46
C ARG A 64 -13.81 7.05 21.67
N PHE A 65 -14.50 6.76 20.57
CA PHE A 65 -15.80 6.07 20.63
C PHE A 65 -15.65 4.71 21.32
N ARG A 66 -14.68 3.92 20.87
CA ARG A 66 -14.46 2.59 21.47
C ARG A 66 -14.05 2.67 22.94
N ARG A 67 -13.24 3.66 23.27
CA ARG A 67 -12.82 3.89 24.65
C ARG A 67 -14.04 4.21 25.50
N MET A 68 -14.95 5.07 25.00
CA MET A 68 -16.19 5.38 25.73
C MET A 68 -17.08 4.16 25.98
N GLN A 69 -17.16 3.27 25.01
CA GLN A 69 -17.94 2.05 25.13
C GLN A 69 -17.42 1.06 26.19
N GLY A 70 -16.20 1.25 26.66
CA GLY A 70 -15.62 0.37 27.69
C GLY A 70 -14.52 -0.55 27.18
N TYR A 71 -14.23 -0.51 25.89
CA TYR A 71 -13.13 -1.34 25.34
C TYR A 71 -11.77 -0.92 25.85
N GLU A 72 -10.86 -1.88 25.99
CA GLU A 72 -9.45 -1.55 26.13
C GLU A 72 -8.98 -1.17 24.73
N VAL A 73 -8.50 0.06 24.56
CA VAL A 73 -8.18 0.56 23.22
C VAL A 73 -6.67 0.80 23.07
N LEU A 74 -6.10 0.21 22.03
CA LEU A 74 -4.74 0.49 21.59
C LEU A 74 -4.81 1.32 20.31
N HIS A 75 -4.32 2.55 20.42
CA HIS A 75 -4.31 3.56 19.35
C HIS A 75 -2.94 4.23 19.38
N PRO A 76 -1.97 3.65 18.65
CA PRO A 76 -0.61 4.08 18.69
C PRO A 76 -0.10 4.94 17.51
N MET A 77 1.00 5.67 17.72
CA MET A 77 1.65 6.48 16.71
C MET A 77 3.15 6.28 16.83
N GLY A 78 3.83 6.51 15.71
CA GLY A 78 5.26 6.34 15.58
C GLY A 78 5.72 6.82 14.23
N TRP A 79 7.00 6.58 13.93
CA TRP A 79 7.67 7.26 12.84
C TRP A 79 8.34 6.24 11.92
N ASP A 80 7.92 6.29 10.66
CA ASP A 80 8.45 5.43 9.59
C ASP A 80 9.67 6.16 9.07
N ALA A 81 10.76 6.10 9.86
CA ALA A 81 11.83 7.11 9.83
C ALA A 81 13.13 6.75 9.11
N PHE A 82 13.17 5.58 8.48
CA PHE A 82 14.36 5.06 7.80
C PHE A 82 14.07 4.92 6.32
N GLY A 83 15.13 4.75 5.56
CA GLY A 83 15.01 4.56 4.12
C GLY A 83 14.73 5.82 3.33
N LEU A 84 14.19 5.60 2.13
CA LEU A 84 14.11 6.62 1.09
C LEU A 84 13.36 7.91 1.47
N PRO A 85 12.13 7.82 2.00
CA PRO A 85 11.40 9.10 2.21
C PRO A 85 12.10 10.11 3.13
N ALA A 86 12.50 9.70 4.33
CA ALA A 86 13.24 10.57 5.27
C ALA A 86 14.56 11.05 4.67
N GLU A 87 15.31 10.11 4.08
CA GLU A 87 16.64 10.46 3.56
C GLU A 87 16.61 11.35 2.30
N ASN A 88 15.77 11.02 1.32
CA ASN A 88 15.61 11.88 0.14
C ASN A 88 15.22 13.34 0.48
N ALA A 89 14.30 13.48 1.43
CA ALA A 89 13.83 14.79 1.89
C ALA A 89 14.97 15.56 2.58
N ALA A 90 15.67 14.92 3.51
CA ALA A 90 16.81 15.54 4.22
C ALA A 90 17.87 16.00 3.23
N LEU A 91 18.24 15.10 2.32
CA LEU A 91 19.26 15.35 1.31
C LEU A 91 18.89 16.47 0.33
N LYS A 92 17.61 16.56 -0.07
CA LYS A 92 17.14 17.66 -0.93
C LYS A 92 17.42 19.05 -0.34
N PHE A 93 17.41 19.15 0.99
CA PHE A 93 17.65 20.41 1.69
C PHE A 93 19.03 20.45 2.33
N GLY A 94 19.95 19.64 1.81
CA GLY A 94 21.30 19.53 2.36
C GLY A 94 21.40 19.29 3.86
N VAL A 95 20.44 18.58 4.43
CA VAL A 95 20.44 18.30 5.87
C VAL A 95 20.79 16.83 6.13
N HIS A 96 21.49 16.60 7.24
CA HIS A 96 21.74 15.26 7.71
C HIS A 96 20.39 14.58 8.06
N PRO A 97 20.20 13.30 7.61
CA PRO A 97 18.99 12.52 7.90
C PRO A 97 18.52 12.51 9.35
N LYS A 98 19.45 12.32 10.27
CA LYS A 98 19.09 12.22 11.67
C LYS A 98 18.52 13.53 12.19
N ASP A 99 19.15 14.64 11.82
CA ASP A 99 18.70 15.97 12.25
C ASP A 99 17.34 16.29 11.66
N TRP A 100 17.22 16.08 10.37
CA TRP A 100 15.99 16.26 9.64
C TRP A 100 14.84 15.46 10.25
N THR A 101 15.09 14.18 10.50
CA THR A 101 14.06 13.28 10.98
C THR A 101 13.54 13.70 12.32
N TYR A 102 14.41 14.03 13.26
CA TYR A 102 13.93 14.39 14.58
C TYR A 102 13.24 15.77 14.66
N ALA A 103 13.62 16.70 13.79
CA ALA A 103 12.94 17.99 13.68
C ALA A 103 11.52 17.76 13.13
N ASN A 104 11.42 16.92 12.10
CA ASN A 104 10.14 16.60 11.52
C ASN A 104 9.21 15.85 12.48
N ILE A 105 9.78 14.94 13.27
CA ILE A 105 9.00 14.22 14.28
C ILE A 105 8.41 15.19 15.31
N ARG A 106 9.24 16.11 15.79
CA ARG A 106 8.81 17.11 16.76
C ARG A 106 7.62 17.92 16.19
N GLN A 107 7.75 18.34 14.95
CA GLN A 107 6.69 19.12 14.29
C GLN A 107 5.39 18.31 14.11
N ALA A 108 5.55 17.06 13.71
CA ALA A 108 4.40 16.16 13.50
C ALA A 108 3.67 15.91 14.80
N LYS A 109 4.40 15.66 15.87
CA LYS A 109 3.80 15.51 17.19
C LYS A 109 2.93 16.69 17.57
N GLU A 110 3.44 17.89 17.35
CA GLU A 110 2.66 19.07 17.69
C GLU A 110 1.40 19.18 16.82
N SER A 111 1.50 18.85 15.55
CA SER A 111 0.35 18.90 14.64
C SER A 111 -0.74 17.97 15.12
N LEU A 112 -0.36 16.75 15.53
CA LEU A 112 -1.32 15.79 16.05
C LEU A 112 -1.94 16.27 17.36
N ARG A 113 -1.09 16.74 18.26
CA ARG A 113 -1.58 17.19 19.58
C ARG A 113 -2.60 18.34 19.47
N LEU A 114 -2.28 19.28 18.61
CA LEU A 114 -3.07 20.49 18.39
C LEU A 114 -4.43 20.23 17.76
N MET A 115 -4.57 19.08 17.10
CA MET A 115 -5.86 18.61 16.59
C MET A 115 -6.65 17.78 17.59
N GLY A 116 -6.16 17.64 18.81
CA GLY A 116 -6.87 16.88 19.82
C GLY A 116 -6.79 15.37 19.60
N ILE A 117 -5.78 14.92 18.84
CA ILE A 117 -5.61 13.50 18.65
C ILE A 117 -4.85 12.93 19.85
N LEU A 118 -5.30 11.77 20.33
CA LEU A 118 -4.73 11.15 21.49
C LEU A 118 -4.23 9.72 21.20
N TYR A 119 -2.95 9.48 21.46
CA TYR A 119 -2.32 8.17 21.27
C TYR A 119 -1.80 7.71 22.62
N ASP A 120 -1.47 6.42 22.71
CA ASP A 120 -0.61 5.93 23.81
C ASP A 120 0.84 6.17 23.39
N TRP A 121 1.37 7.32 23.81
CA TRP A 121 2.70 7.74 23.43
C TRP A 121 3.79 6.90 24.11
N ASP A 122 3.42 6.15 25.13
CA ASP A 122 4.33 5.18 25.72
C ASP A 122 4.75 4.08 24.71
N ARG A 123 4.01 3.95 23.61
CA ARG A 123 4.24 2.91 22.61
C ARG A 123 4.87 3.43 21.33
N GLU A 124 5.33 4.69 21.37
CA GLU A 124 6.01 5.30 20.29
C GLU A 124 7.16 4.42 19.77
N VAL A 125 7.23 4.25 18.46
CA VAL A 125 8.38 3.63 17.80
C VAL A 125 8.98 4.62 16.86
N THR A 126 10.31 4.55 16.71
CA THR A 126 11.06 5.36 15.79
C THR A 126 12.03 4.41 15.08
N THR A 127 11.76 4.14 13.80
CA THR A 127 12.33 2.94 13.18
C THR A 127 13.83 3.10 12.87
N CYS A 128 14.33 4.34 12.84
CA CYS A 128 15.74 4.61 12.58
C CYS A 128 16.63 4.42 13.84
N GLU A 129 16.03 4.09 14.98
CA GLU A 129 16.78 3.85 16.23
C GLU A 129 17.19 2.39 16.30
N PRO A 130 18.42 2.10 16.79
CA PRO A 130 18.84 0.70 16.89
C PRO A 130 17.99 -0.13 17.81
N GLU A 131 17.29 0.50 18.77
CA GLU A 131 16.34 -0.23 19.60
C GLU A 131 15.18 -0.81 18.77
N TYR A 132 14.92 -0.24 17.59
CA TYR A 132 13.97 -0.84 16.66
C TYR A 132 14.68 -1.73 15.64
N TYR A 133 15.69 -1.18 14.96
CA TYR A 133 16.23 -1.83 13.78
C TYR A 133 17.03 -3.10 14.10
N ARG A 134 17.46 -3.24 15.35
CA ARG A 134 18.04 -4.51 15.81
C ARG A 134 17.09 -5.68 15.59
N TRP A 135 15.78 -5.43 15.72
CA TRP A 135 14.77 -6.42 15.52
C TRP A 135 14.47 -6.64 14.04
N ASN A 136 14.71 -5.63 13.20
CA ASN A 136 14.72 -5.88 11.76
C ASN A 136 15.78 -6.92 11.46
N GLN A 137 16.94 -6.73 12.08
CA GLN A 137 18.06 -7.62 11.80
C GLN A 137 17.78 -9.04 12.30
N TRP A 138 17.15 -9.15 13.46
CA TRP A 138 16.75 -10.44 14.03
C TRP A 138 15.80 -11.18 13.10
N ILE A 139 14.79 -10.47 12.62
CA ILE A 139 13.83 -11.07 11.67
C ILE A 139 14.53 -11.51 10.39
N PHE A 140 15.44 -10.67 9.90
CA PHE A 140 16.22 -10.99 8.73
C PHE A 140 16.99 -12.34 8.90
N LEU A 141 17.63 -12.49 10.05
CA LEU A 141 18.36 -13.74 10.35
C LEU A 141 17.46 -14.97 10.36
N LYS A 142 16.27 -14.83 10.95
CA LYS A 142 15.30 -15.92 10.94
C LYS A 142 14.87 -16.28 9.53
N MET A 143 14.67 -15.27 8.68
CA MET A 143 14.35 -15.51 7.28
C MET A 143 15.48 -16.26 6.55
N TRP A 144 16.71 -15.83 6.80
CA TRP A 144 17.90 -16.51 6.26
C TRP A 144 17.87 -17.99 6.67
N GLU A 145 17.68 -18.21 7.96
CA GLU A 145 17.62 -19.56 8.55
C GLU A 145 16.53 -20.46 7.94
N LYS A 146 15.39 -19.86 7.58
CA LYS A 146 14.26 -20.59 7.06
C LYS A 146 14.16 -20.61 5.53
N GLY A 147 15.25 -20.30 4.85
CA GLY A 147 15.26 -20.39 3.42
C GLY A 147 14.47 -19.27 2.71
N LEU A 148 14.30 -18.13 3.40
CA LEU A 148 13.51 -17.01 2.85
C LEU A 148 14.29 -15.74 2.54
N ALA A 149 15.58 -15.67 2.85
CA ALA A 149 16.42 -14.55 2.46
C ALA A 149 17.66 -15.07 1.73
N TYR A 150 17.86 -14.57 0.52
CA TYR A 150 18.93 -15.03 -0.33
C TYR A 150 19.56 -13.92 -1.13
N ARG A 151 20.79 -14.16 -1.58
CA ARG A 151 21.50 -13.29 -2.52
C ARG A 151 21.52 -13.93 -3.89
N ALA A 152 21.25 -13.11 -4.90
CA ALA A 152 21.19 -13.54 -6.29
C ALA A 152 21.61 -12.42 -7.22
N LYS A 153 22.30 -12.81 -8.30
CA LYS A 153 22.67 -11.90 -9.36
C LYS A 153 21.53 -11.91 -10.36
N GLY A 154 21.21 -10.76 -10.92
CA GLY A 154 20.18 -10.71 -11.93
C GLY A 154 19.80 -9.29 -12.27
N LEU A 155 18.81 -9.15 -13.15
CA LEU A 155 18.33 -7.83 -13.55
C LEU A 155 17.46 -7.20 -12.47
N VAL A 156 17.76 -5.94 -12.18
CA VAL A 156 17.07 -5.19 -11.15
C VAL A 156 16.62 -3.82 -11.72
N ASN A 157 15.56 -3.26 -11.13
CA ASN A 157 15.10 -1.89 -11.41
C ASN A 157 15.93 -0.89 -10.63
N TRP A 158 16.33 0.20 -11.30
CA TRP A 158 17.29 1.18 -10.77
C TRP A 158 16.68 2.57 -10.91
N CYS A 159 16.62 3.33 -9.83
CA CYS A 159 16.22 4.74 -9.96
C CYS A 159 17.47 5.61 -10.01
N PRO A 160 17.70 6.30 -11.14
CA PRO A 160 18.91 7.11 -11.24
C PRO A 160 18.89 8.37 -10.33
N LYS A 161 17.71 8.79 -9.84
CA LYS A 161 17.63 9.92 -8.89
C LYS A 161 17.90 9.46 -7.47
N CYS A 162 17.30 8.34 -7.04
CA CYS A 162 17.60 7.74 -5.74
C CYS A 162 18.98 7.08 -5.70
N GLN A 163 19.49 6.72 -6.87
CA GLN A 163 20.79 6.02 -6.95
C GLN A 163 20.75 4.70 -6.14
N THR A 164 19.65 3.99 -6.30
CA THR A 164 19.53 2.68 -5.70
C THR A 164 18.60 1.82 -6.52
N VAL A 165 18.75 0.51 -6.30
CA VAL A 165 17.79 -0.46 -6.81
C VAL A 165 16.47 -0.26 -6.06
N LEU A 166 15.38 -0.66 -6.69
CA LEU A 166 14.05 -0.62 -6.10
C LEU A 166 13.38 -1.99 -6.22
N ALA A 167 12.46 -2.29 -5.32
CA ALA A 167 11.60 -3.47 -5.48
C ALA A 167 10.64 -3.26 -6.65
N ASN A 168 10.17 -4.35 -7.24
CA ASN A 168 9.17 -4.28 -8.30
C ASN A 168 7.92 -3.48 -7.91
N GLU A 169 7.53 -3.59 -6.65
CA GLU A 169 6.37 -2.88 -6.13
C GLU A 169 6.61 -1.36 -6.04
N GLN A 170 7.87 -0.95 -5.99
CA GLN A 170 8.25 0.47 -5.93
C GLN A 170 8.39 1.11 -7.31
N VAL A 171 8.05 0.35 -8.34
CA VAL A 171 8.00 0.89 -9.69
C VAL A 171 6.51 1.07 -10.01
N VAL A 172 6.12 2.32 -10.29
CA VAL A 172 4.71 2.67 -10.47
C VAL A 172 4.55 3.24 -11.89
N GLU A 173 3.80 2.54 -12.73
CA GLU A 173 3.72 2.87 -14.16
C GLU A 173 5.07 3.22 -14.76
N GLY A 174 6.07 2.38 -14.44
CA GLY A 174 7.42 2.47 -14.98
C GLY A 174 8.29 3.54 -14.36
N ARG A 175 7.78 4.24 -13.34
CA ARG A 175 8.47 5.34 -12.69
C ARG A 175 8.79 4.97 -11.24
N CYS A 176 9.80 5.63 -10.68
CA CYS A 176 10.13 5.48 -9.27
C CYS A 176 8.94 5.95 -8.42
N TRP A 177 8.54 5.14 -7.43
CA TRP A 177 7.47 5.53 -6.50
C TRP A 177 7.66 6.92 -5.88
N ARG A 178 8.92 7.32 -5.73
CA ARG A 178 9.25 8.64 -5.16
C ARG A 178 9.46 9.71 -6.23
N HIS A 179 10.01 9.32 -7.39
CA HIS A 179 10.27 10.26 -8.50
C HIS A 179 9.40 9.95 -9.70
N GLU A 180 8.16 10.41 -9.64
CA GLU A 180 7.15 10.18 -10.69
C GLU A 180 7.55 10.64 -12.08
N ASP A 181 8.50 11.57 -12.16
CA ASP A 181 9.03 12.04 -13.46
C ASP A 181 10.17 11.19 -14.04
N THR A 182 10.64 10.23 -13.24
CA THR A 182 11.86 9.50 -13.55
C THR A 182 11.53 8.03 -13.88
N PRO A 183 11.72 7.65 -15.17
CA PRO A 183 11.63 6.24 -15.53
C PRO A 183 12.73 5.43 -14.86
N VAL A 184 12.36 4.26 -14.36
CA VAL A 184 13.37 3.36 -13.80
C VAL A 184 14.18 2.72 -14.95
N GLU A 185 15.41 2.35 -14.63
CA GLU A 185 16.35 1.73 -15.57
C GLU A 185 16.68 0.33 -15.09
N LYS A 186 17.18 -0.51 -16.00
CA LYS A 186 17.58 -1.87 -15.66
C LYS A 186 19.08 -1.95 -15.48
N ARG A 187 19.49 -2.63 -14.40
CA ARG A 187 20.90 -2.91 -14.13
C ARG A 187 21.01 -4.39 -13.85
N GLU A 188 22.25 -4.88 -13.79
CA GLU A 188 22.55 -6.24 -13.37
C GLU A 188 23.45 -6.16 -12.14
N LEU A 189 22.97 -6.68 -11.02
CA LEU A 189 23.61 -6.54 -9.74
C LEU A 189 23.28 -7.73 -8.88
N GLU A 190 24.18 -8.06 -7.97
CA GLU A 190 23.92 -9.07 -6.97
C GLU A 190 23.29 -8.39 -5.76
N GLN A 191 22.12 -8.89 -5.35
CA GLN A 191 21.27 -8.22 -4.34
C GLN A 191 20.59 -9.23 -3.44
N TRP A 192 20.01 -8.71 -2.35
CA TRP A 192 19.30 -9.51 -1.36
C TRP A 192 17.83 -9.51 -1.68
N TYR A 193 17.21 -10.69 -1.53
CA TYR A 193 15.79 -10.90 -1.82
C TYR A 193 15.13 -11.58 -0.65
N LEU A 194 13.87 -11.25 -0.41
CA LEU A 194 13.01 -12.00 0.50
C LEU A 194 12.08 -12.83 -0.34
N ARG A 195 12.02 -14.13 -0.04
CA ARG A 195 11.28 -15.09 -0.86
C ARG A 195 9.77 -15.08 -0.55
N ILE A 196 9.13 -13.94 -0.86
CA ILE A 196 7.71 -13.77 -0.64
C ILE A 196 6.90 -14.73 -1.55
N THR A 197 7.46 -15.15 -2.68
CA THR A 197 6.78 -16.12 -3.57
C THR A 197 6.51 -17.45 -2.89
N ALA A 198 7.31 -17.80 -1.88
CA ALA A 198 7.04 -18.96 -1.04
C ALA A 198 5.68 -18.90 -0.33
N TYR A 199 5.13 -17.68 -0.19
CA TYR A 199 3.84 -17.43 0.42
C TYR A 199 2.73 -17.04 -0.57
N ALA A 200 3.00 -17.14 -1.89
CA ALA A 200 2.09 -16.61 -2.90
C ALA A 200 0.65 -17.18 -2.81
N GLU A 201 0.54 -18.51 -2.67
CA GLU A 201 -0.77 -19.17 -2.62
C GLU A 201 -1.57 -18.78 -1.36
N ARG A 202 -0.91 -18.69 -0.22
CA ARG A 202 -1.54 -18.24 1.00
C ARG A 202 -1.98 -16.76 0.91
N LEU A 203 -1.12 -15.91 0.36
CA LEU A 203 -1.44 -14.49 0.18
C LEU A 203 -2.66 -14.32 -0.70
N LEU A 204 -2.79 -15.18 -1.70
CA LEU A 204 -3.96 -15.17 -2.55
C LEU A 204 -5.21 -15.73 -1.86
N LYS A 205 -5.11 -16.94 -1.29
CA LYS A 205 -6.26 -17.62 -0.74
C LYS A 205 -6.82 -16.88 0.47
N ASP A 206 -5.93 -16.35 1.29
CA ASP A 206 -6.32 -15.74 2.56
C ASP A 206 -6.94 -14.33 2.42
N LEU A 207 -6.97 -13.79 1.20
CA LEU A 207 -7.76 -12.59 0.89
C LEU A 207 -9.26 -12.82 1.02
N GLU A 208 -9.70 -14.06 0.81
CA GLU A 208 -11.14 -14.39 0.84
C GLU A 208 -11.86 -14.01 2.13
N GLY A 209 -11.30 -14.37 3.28
CA GLY A 209 -11.94 -13.98 4.56
C GLY A 209 -11.86 -12.51 5.01
N LEU A 210 -11.43 -11.59 4.15
CA LEU A 210 -10.89 -10.33 4.66
C LEU A 210 -11.91 -9.18 4.50
N ASN A 211 -12.11 -8.43 5.57
CA ASN A 211 -12.94 -7.22 5.56
C ASN A 211 -12.12 -6.03 5.11
N TRP A 212 -11.80 -6.08 3.82
CA TRP A 212 -11.02 -5.10 3.12
C TRP A 212 -11.81 -4.63 1.92
N PRO A 213 -11.47 -3.44 1.40
CA PRO A 213 -12.13 -3.00 0.18
C PRO A 213 -11.81 -3.95 -0.97
N GLU A 214 -12.82 -4.24 -1.78
CA GLU A 214 -12.67 -5.13 -2.91
C GLU A 214 -11.60 -4.63 -3.91
N LYS A 215 -11.47 -3.33 -4.08
CA LYS A 215 -10.43 -2.79 -4.94
C LYS A 215 -9.02 -3.20 -4.50
N VAL A 216 -8.76 -3.19 -3.18
CA VAL A 216 -7.45 -3.63 -2.68
C VAL A 216 -7.25 -5.13 -2.92
N LYS A 217 -8.27 -5.93 -2.64
CA LYS A 217 -8.18 -7.37 -2.90
C LYS A 217 -7.89 -7.65 -4.37
N ALA A 218 -8.58 -6.94 -5.26
CA ALA A 218 -8.38 -7.07 -6.71
C ALA A 218 -6.97 -6.67 -7.14
N MET A 219 -6.44 -5.60 -6.56
CA MET A 219 -5.08 -5.20 -6.89
C MET A 219 -4.05 -6.25 -6.48
N GLN A 220 -4.24 -6.82 -5.31
CA GLN A 220 -3.31 -7.84 -4.81
C GLN A 220 -3.44 -9.15 -5.62
N ARG A 221 -4.67 -9.54 -5.93
CA ARG A 221 -4.91 -10.70 -6.80
C ARG A 221 -4.20 -10.58 -8.13
N ALA A 222 -4.32 -9.40 -8.76
CA ALA A 222 -3.72 -9.11 -10.06
C ALA A 222 -2.21 -9.09 -9.94
N TRP A 223 -1.70 -8.53 -8.86
CA TRP A 223 -0.27 -8.43 -8.64
C TRP A 223 0.39 -9.81 -8.46
N ILE A 224 -0.22 -10.66 -7.66
CA ILE A 224 0.26 -12.01 -7.41
C ILE A 224 0.17 -12.83 -8.70
N GLY A 225 -1.00 -12.77 -9.34
CA GLY A 225 -1.20 -13.20 -10.72
C GLY A 225 -0.94 -14.68 -10.95
N ARG A 226 -1.72 -15.51 -10.26
CA ARG A 226 -1.62 -16.95 -10.38
C ARG A 226 -2.00 -17.34 -11.80
N SER A 227 -1.22 -18.24 -12.40
CA SER A 227 -1.55 -18.75 -13.72
C SER A 227 -1.36 -20.27 -13.81
N GLU A 228 -2.22 -20.87 -14.64
CA GLU A 228 -2.21 -22.29 -14.94
C GLU A 228 -1.20 -22.58 -16.01
N GLY A 229 -0.13 -23.27 -15.63
CA GLY A 229 0.98 -23.54 -16.52
C GLY A 229 1.21 -25.04 -16.64
N ALA A 230 2.21 -25.40 -17.44
CA ALA A 230 2.50 -26.84 -17.69
C ALA A 230 3.94 -27.00 -18.06
N GLU A 231 4.50 -28.17 -17.73
CA GLU A 231 5.71 -28.65 -18.35
C GLU A 231 5.28 -29.75 -19.31
N ILE A 232 5.72 -29.65 -20.55
CA ILE A 232 5.28 -30.56 -21.59
C ILE A 232 6.50 -31.19 -22.19
N LEU A 233 6.44 -32.51 -22.39
CA LEU A 233 7.60 -33.27 -22.84
C LEU A 233 7.49 -33.54 -24.30
N PHE A 234 8.54 -33.19 -25.02
CA PHE A 234 8.66 -33.43 -26.44
C PHE A 234 9.76 -34.46 -26.77
N PRO A 235 9.37 -35.68 -27.18
CA PRO A 235 10.37 -36.67 -27.60
C PRO A 235 11.18 -36.24 -28.82
N VAL A 236 12.50 -36.40 -28.77
CA VAL A 236 13.39 -36.02 -29.88
C VAL A 236 13.51 -37.22 -30.83
N GLU A 237 13.23 -36.99 -32.10
CA GLU A 237 13.37 -38.01 -33.11
C GLU A 237 14.73 -38.70 -33.09
N GLY A 238 14.72 -40.02 -32.94
CA GLY A 238 15.96 -40.79 -32.89
C GLY A 238 16.74 -40.78 -31.59
N LYS A 239 16.28 -40.02 -30.59
CA LYS A 239 16.97 -39.92 -29.32
C LYS A 239 16.15 -40.31 -28.12
N GLU A 240 16.83 -40.65 -27.03
CA GLU A 240 16.20 -41.00 -25.78
C GLU A 240 15.50 -39.80 -25.13
N VAL A 241 16.14 -38.64 -25.19
CA VAL A 241 15.69 -37.48 -24.40
C VAL A 241 14.31 -37.02 -24.87
N ARG A 242 13.48 -36.67 -23.90
CA ARG A 242 12.26 -35.92 -24.18
C ARG A 242 12.43 -34.51 -23.60
N ILE A 243 12.28 -33.49 -24.42
CA ILE A 243 12.65 -32.12 -23.98
C ILE A 243 11.45 -31.56 -23.20
N PRO A 244 11.66 -31.17 -21.94
CA PRO A 244 10.61 -30.49 -21.20
C PRO A 244 10.60 -28.99 -21.50
N VAL A 245 9.41 -28.49 -21.81
CA VAL A 245 9.24 -27.05 -22.03
C VAL A 245 8.27 -26.54 -20.98
N PHE A 246 8.50 -25.31 -20.52
CA PHE A 246 7.57 -24.69 -19.62
C PHE A 246 6.68 -23.74 -20.42
N THR A 247 5.38 -23.81 -20.21
CA THR A 247 4.43 -22.95 -20.93
C THR A 247 3.34 -22.44 -20.02
N THR A 248 2.99 -21.16 -20.16
CA THR A 248 1.77 -20.64 -19.52
C THR A 248 0.56 -20.71 -20.46
N ARG A 249 0.76 -21.24 -21.67
CA ARG A 249 -0.37 -21.45 -22.61
C ARG A 249 -0.48 -22.90 -23.12
N PRO A 250 -0.74 -23.85 -22.19
CA PRO A 250 -0.90 -25.27 -22.59
C PRO A 250 -2.09 -25.49 -23.52
N ASP A 251 -3.08 -24.60 -23.44
CA ASP A 251 -4.15 -24.53 -24.43
C ASP A 251 -3.69 -24.38 -25.88
N THR A 252 -2.47 -23.92 -26.12
CA THR A 252 -1.94 -23.74 -27.49
C THR A 252 -1.08 -24.88 -28.03
N LEU A 253 -1.03 -26.00 -27.32
CA LEU A 253 -0.08 -27.05 -27.65
C LEU A 253 -0.19 -27.55 -29.08
N PHE A 254 -1.42 -27.66 -29.60
CA PHE A 254 -1.58 -28.14 -30.96
C PHE A 254 -1.01 -27.20 -32.01
N GLY A 255 -0.69 -25.96 -31.62
CA GLY A 255 -0.11 -24.97 -32.53
C GLY A 255 1.38 -24.76 -32.38
N ALA A 256 2.03 -25.64 -31.61
CA ALA A 256 3.47 -25.56 -31.44
C ALA A 256 4.11 -26.16 -32.69
N THR A 257 4.78 -25.32 -33.46
CA THR A 257 5.29 -25.71 -34.78
C THR A 257 6.80 -25.83 -34.81
N PHE A 258 7.46 -25.45 -33.72
CA PHE A 258 8.89 -25.65 -33.53
C PHE A 258 9.25 -25.52 -32.06
N LEU A 259 10.43 -26.01 -31.68
CA LEU A 259 10.95 -25.79 -30.34
C LEU A 259 12.12 -24.87 -30.42
N VAL A 260 12.35 -24.08 -29.38
CA VAL A 260 13.55 -23.25 -29.27
C VAL A 260 14.20 -23.47 -27.91
N LEU A 261 15.49 -23.83 -27.96
CA LEU A 261 16.33 -24.00 -26.78
C LEU A 261 17.23 -22.79 -26.56
N ALA A 262 17.41 -22.43 -25.30
CA ALA A 262 18.42 -21.42 -24.96
C ALA A 262 19.75 -21.91 -25.51
N PRO A 263 20.60 -20.99 -25.99
CA PRO A 263 21.95 -21.31 -26.45
C PRO A 263 22.77 -22.12 -25.42
N GLU A 264 22.58 -21.83 -24.15
CA GLU A 264 23.30 -22.48 -23.06
C GLU A 264 22.73 -23.84 -22.66
N HIS A 265 21.56 -24.19 -23.18
CA HIS A 265 20.95 -25.48 -22.86
C HIS A 265 21.95 -26.57 -23.26
N PRO A 266 22.21 -27.53 -22.35
CA PRO A 266 23.05 -28.69 -22.73
C PRO A 266 22.65 -29.37 -24.03
N LEU A 267 21.35 -29.46 -24.32
CA LEU A 267 20.90 -30.14 -25.55
C LEU A 267 21.21 -29.40 -26.84
N THR A 268 21.53 -28.12 -26.75
CA THR A 268 21.77 -27.32 -27.95
C THR A 268 22.95 -27.86 -28.74
N LEU A 269 24.04 -28.14 -28.03
CA LEU A 269 25.20 -28.70 -28.70
C LEU A 269 25.07 -30.23 -28.84
N GLU A 270 24.44 -30.85 -27.86
CA GLU A 270 24.24 -32.31 -27.85
C GLU A 270 23.40 -32.79 -29.04
N LEU A 271 22.37 -32.03 -29.39
CA LEU A 271 21.48 -32.42 -30.48
C LEU A 271 21.84 -31.92 -31.86
N ALA A 272 22.78 -30.99 -31.94
CA ALA A 272 23.21 -30.43 -33.21
C ALA A 272 23.72 -31.55 -34.12
N ALA A 273 23.22 -31.58 -35.36
CA ALA A 273 23.72 -32.46 -36.38
C ALA A 273 25.22 -32.15 -36.58
N PRO A 274 26.03 -33.19 -36.89
CA PRO A 274 27.47 -32.95 -37.06
C PRO A 274 27.81 -31.74 -37.94
N GLU A 275 27.12 -31.63 -39.08
CA GLU A 275 27.36 -30.57 -40.05
C GLU A 275 26.93 -29.19 -39.52
N LYS A 276 25.99 -29.17 -38.56
CA LYS A 276 25.53 -27.93 -37.93
C LYS A 276 26.37 -27.46 -36.73
N ARG A 277 27.22 -28.33 -36.17
CA ARG A 277 27.85 -28.06 -34.87
C ARG A 277 28.72 -26.79 -34.81
N GLU A 278 29.51 -26.60 -35.86
CA GLU A 278 30.38 -25.42 -35.96
C GLU A 278 29.54 -24.15 -35.82
N GLU A 279 28.51 -24.05 -36.65
CA GLU A 279 27.60 -22.91 -36.66
C GLU A 279 26.90 -22.73 -35.30
N VAL A 280 26.49 -23.83 -34.69
CA VAL A 280 25.80 -23.76 -33.39
C VAL A 280 26.74 -23.30 -32.28
N LEU A 281 27.97 -23.83 -32.28
CA LEU A 281 28.97 -23.47 -31.27
C LEU A 281 29.33 -21.97 -31.35
N ALA A 282 29.49 -21.46 -32.56
CA ALA A 282 29.78 -20.04 -32.78
C ALA A 282 28.65 -19.19 -32.22
N TYR A 283 27.40 -19.58 -32.53
CA TYR A 283 26.21 -18.90 -32.03
C TYR A 283 26.13 -18.95 -30.51
N VAL A 284 26.42 -20.10 -29.93
CA VAL A 284 26.41 -20.26 -28.48
C VAL A 284 27.45 -19.33 -27.83
N GLU A 285 28.64 -19.28 -28.44
CA GLU A 285 29.72 -18.42 -27.92
C GLU A 285 29.37 -16.94 -28.06
N ALA A 286 28.80 -16.54 -29.19
CA ALA A 286 28.30 -15.16 -29.41
C ALA A 286 27.24 -14.72 -28.40
N ALA A 287 26.34 -15.66 -28.05
CA ALA A 287 25.26 -15.38 -27.10
C ALA A 287 25.81 -15.14 -25.71
N LYS A 288 26.75 -15.98 -25.29
CA LYS A 288 27.39 -15.83 -23.98
C LYS A 288 28.27 -14.55 -23.85
N ARG A 289 28.64 -13.93 -24.97
CA ARG A 289 29.31 -12.63 -24.96
C ARG A 289 28.36 -11.46 -24.70
N LYS A 290 27.05 -11.72 -24.77
CA LYS A 290 26.03 -10.71 -24.47
C LYS A 290 25.60 -10.71 -23.00
N THR A 291 24.97 -9.60 -22.59
CA THR A 291 24.32 -9.43 -21.29
C THR A 291 22.86 -9.88 -21.42
N GLU A 292 22.18 -10.16 -20.30
CA GLU A 292 20.76 -10.52 -20.38
C GLU A 292 19.94 -9.37 -20.95
N ILE A 293 20.27 -8.16 -20.52
CA ILE A 293 19.61 -6.96 -21.05
C ILE A 293 19.70 -6.98 -22.55
N GLU A 294 20.91 -7.19 -23.04
CA GLU A 294 21.15 -7.26 -24.49
C GLU A 294 20.32 -8.36 -25.13
N ARG A 295 20.19 -9.50 -24.45
CA ARG A 295 19.33 -10.60 -24.95
C ARG A 295 17.83 -10.40 -24.69
N GLN A 296 17.54 -9.52 -23.72
CA GLN A 296 16.20 -9.04 -23.42
C GLN A 296 15.83 -7.86 -24.33
N ALA A 297 16.79 -7.36 -25.10
CA ALA A 297 16.52 -6.21 -25.97
C ALA A 297 15.57 -6.62 -27.09
N GLU A 298 14.83 -5.62 -27.58
CA GLU A 298 13.83 -5.81 -28.61
C GLU A 298 13.99 -4.71 -29.64
N GLY A 299 13.60 -5.01 -30.87
CA GLY A 299 14.01 -4.24 -32.03
C GLY A 299 15.31 -4.80 -32.56
N ARG A 300 16.04 -5.52 -31.70
CA ARG A 300 17.28 -6.19 -32.10
C ARG A 300 17.03 -7.25 -33.13
N GLU A 301 18.06 -7.55 -33.90
CA GLU A 301 17.98 -8.59 -34.90
C GLU A 301 17.47 -9.90 -34.26
N LYS A 302 16.46 -10.51 -34.90
CA LYS A 302 16.04 -11.87 -34.58
C LYS A 302 17.01 -12.86 -35.21
N THR A 303 17.66 -13.66 -34.36
CA THR A 303 18.68 -14.58 -34.77
C THR A 303 18.35 -15.99 -34.22
N GLY A 304 18.86 -17.00 -34.90
CA GLY A 304 18.78 -18.36 -34.39
C GLY A 304 19.45 -19.31 -35.36
N VAL A 305 19.66 -20.55 -34.91
CA VAL A 305 20.20 -21.61 -35.76
C VAL A 305 19.34 -22.87 -35.60
N PHE A 306 18.98 -23.47 -36.72
CA PHE A 306 18.30 -24.77 -36.74
C PHE A 306 19.34 -25.83 -36.41
N LEU A 307 19.02 -26.71 -35.46
CA LEU A 307 20.03 -27.70 -34.97
C LEU A 307 20.19 -28.92 -35.89
N GLY A 308 19.28 -29.11 -36.84
CA GLY A 308 19.25 -30.31 -37.67
C GLY A 308 18.64 -31.51 -36.93
N ALA A 309 17.85 -31.20 -35.89
CA ALA A 309 17.17 -32.17 -35.05
C ALA A 309 15.68 -31.84 -35.04
N TYR A 310 14.87 -32.87 -34.83
CA TYR A 310 13.41 -32.74 -34.78
C TYR A 310 12.82 -33.35 -33.51
N ALA A 311 11.68 -32.82 -33.09
CA ALA A 311 10.90 -33.34 -31.98
C ALA A 311 9.53 -33.70 -32.47
N LEU A 312 8.85 -34.56 -31.72
CA LEU A 312 7.47 -34.89 -32.03
C LEU A 312 6.58 -34.11 -31.10
N ASN A 313 5.64 -33.37 -31.67
CA ASN A 313 4.60 -32.72 -30.87
C ASN A 313 3.68 -33.82 -30.31
N PRO A 314 3.60 -33.91 -28.97
CA PRO A 314 2.86 -35.03 -28.35
C PRO A 314 1.35 -34.97 -28.52
N ALA A 315 0.83 -33.82 -28.96
CA ALA A 315 -0.59 -33.68 -29.26
C ALA A 315 -0.94 -34.08 -30.69
N THR A 316 -0.13 -33.65 -31.64
CA THR A 316 -0.40 -33.82 -33.07
C THR A 316 0.31 -35.05 -33.61
N GLY A 317 1.35 -35.48 -32.92
CA GLY A 317 2.18 -36.59 -33.38
C GLY A 317 3.00 -36.21 -34.59
N GLU A 318 3.20 -34.91 -34.78
CA GLU A 318 3.89 -34.37 -35.93
C GLU A 318 5.25 -33.85 -35.52
N ARG A 319 6.16 -34.01 -36.48
CA ARG A 319 7.54 -33.68 -36.39
C ARG A 319 7.72 -32.16 -36.50
N ILE A 320 8.44 -31.57 -35.55
CA ILE A 320 8.74 -30.14 -35.57
C ILE A 320 10.24 -29.92 -35.39
N PRO A 321 10.77 -28.92 -36.07
CA PRO A 321 12.20 -28.65 -35.95
C PRO A 321 12.60 -28.05 -34.60
N ILE A 322 13.84 -28.33 -34.22
CA ILE A 322 14.44 -27.81 -33.01
C ILE A 322 15.53 -26.79 -33.39
N TRP A 323 15.35 -25.58 -32.87
CA TRP A 323 16.26 -24.45 -33.08
C TRP A 323 16.84 -24.02 -31.75
N THR A 324 17.93 -23.27 -31.82
CA THR A 324 18.39 -22.46 -30.70
C THR A 324 18.29 -20.98 -31.11
N ALA A 325 18.00 -20.12 -30.15
CA ALA A 325 17.83 -18.67 -30.43
C ALA A 325 18.03 -17.89 -29.16
N ASP A 326 18.77 -16.78 -29.30
CA ASP A 326 19.07 -15.80 -28.26
C ASP A 326 17.95 -15.33 -27.38
N TYR A 327 16.75 -15.32 -27.91
CA TYR A 327 15.61 -14.77 -27.22
C TYR A 327 15.09 -15.68 -26.11
N VAL A 328 15.54 -16.93 -26.14
CA VAL A 328 15.25 -17.89 -25.09
C VAL A 328 16.42 -17.86 -24.11
N LEU A 329 16.07 -17.60 -22.86
CA LEU A 329 17.02 -17.44 -21.80
C LEU A 329 17.12 -18.76 -21.02
N PHE A 330 18.33 -19.15 -20.67
CA PHE A 330 18.54 -20.42 -19.99
C PHE A 330 17.99 -20.51 -18.55
N GLY A 331 18.00 -19.41 -17.81
CA GLY A 331 17.61 -19.44 -16.39
C GLY A 331 16.13 -19.39 -16.07
N TYR A 332 15.27 -19.27 -17.08
CA TYR A 332 13.85 -19.21 -16.84
C TYR A 332 13.17 -20.48 -17.36
N GLY A 333 12.15 -20.92 -16.62
CA GLY A 333 11.41 -22.13 -17.00
C GLY A 333 12.38 -23.29 -17.05
N THR A 334 12.32 -24.06 -18.14
CA THR A 334 13.25 -25.16 -18.36
C THR A 334 14.36 -24.78 -19.32
N GLY A 335 14.40 -23.52 -19.73
CA GLY A 335 15.40 -23.09 -20.68
C GLY A 335 15.07 -23.51 -22.12
N ALA A 336 13.85 -23.96 -22.34
CA ALA A 336 13.36 -24.39 -23.66
C ALA A 336 11.91 -24.05 -23.77
N ILE A 337 11.49 -23.66 -24.98
CA ILE A 337 10.11 -23.30 -25.23
C ILE A 337 9.55 -24.05 -26.38
N MET A 338 8.22 -24.20 -26.38
CA MET A 338 7.47 -24.50 -27.58
C MET A 338 7.04 -23.18 -28.17
N ALA A 339 7.32 -23.04 -29.45
CA ALA A 339 6.97 -21.82 -30.20
C ALA A 339 5.62 -21.97 -30.87
N VAL A 340 4.78 -20.97 -30.66
CA VAL A 340 3.40 -20.98 -31.15
C VAL A 340 3.21 -19.60 -31.87
N PRO A 341 3.69 -19.51 -33.12
CA PRO A 341 3.69 -18.24 -33.83
C PRO A 341 2.30 -17.64 -34.00
N ALA A 342 1.24 -18.47 -34.03
CA ALA A 342 -0.13 -17.92 -34.21
C ALA A 342 -0.61 -17.10 -33.01
N HIS A 343 -0.03 -17.37 -31.83
CA HIS A 343 -0.57 -16.83 -30.55
C HIS A 343 0.42 -16.11 -29.65
N ASP A 344 1.69 -16.10 -30.03
CA ASP A 344 2.76 -15.45 -29.28
C ASP A 344 3.49 -14.62 -30.30
N GLN A 345 3.45 -13.31 -30.11
CA GLN A 345 3.97 -12.35 -31.06
C GLN A 345 5.47 -12.48 -31.28
N ARG A 346 6.22 -12.86 -30.23
CA ARG A 346 7.68 -13.06 -30.37
C ARG A 346 7.94 -14.21 -31.34
N ASP A 347 7.18 -15.29 -31.18
CA ASP A 347 7.29 -16.47 -32.03
C ASP A 347 6.78 -16.16 -33.45
N TYR A 348 5.74 -15.34 -33.56
CA TYR A 348 5.21 -14.90 -34.85
C TYR A 348 6.32 -14.31 -35.70
N GLU A 349 7.02 -13.32 -35.14
CA GLU A 349 8.04 -12.57 -35.86
C GLU A 349 9.24 -13.46 -36.22
N PHE A 350 9.61 -14.34 -35.30
CA PHE A 350 10.64 -15.34 -35.56
C PHE A 350 10.30 -16.28 -36.72
N ALA A 351 9.07 -16.80 -36.72
CA ALA A 351 8.59 -17.74 -37.72
C ALA A 351 8.48 -17.08 -39.09
N ARG A 352 8.01 -15.84 -39.10
CA ARG A 352 7.96 -15.07 -40.36
C ARG A 352 9.36 -14.87 -40.90
N LYS A 353 10.33 -14.55 -40.04
CA LYS A 353 11.67 -14.33 -40.52
C LYS A 353 12.31 -15.59 -41.11
N PHE A 354 12.15 -16.73 -40.44
CA PHE A 354 12.89 -17.94 -40.77
C PHE A 354 12.02 -18.98 -41.50
N GLY A 355 10.80 -18.59 -41.88
CA GLY A 355 9.98 -19.42 -42.76
C GLY A 355 9.38 -20.64 -42.09
N LEU A 356 9.00 -20.49 -40.82
CA LEU A 356 8.46 -21.59 -40.02
C LEU A 356 6.93 -21.56 -40.02
N PRO A 357 6.27 -22.74 -39.89
CA PRO A 357 4.84 -22.78 -39.98
C PRO A 357 4.12 -21.98 -38.91
N ILE A 358 2.97 -21.41 -39.28
CA ILE A 358 2.12 -20.71 -38.35
C ILE A 358 0.79 -21.41 -38.33
N LYS A 359 0.34 -21.83 -37.15
CA LYS A 359 -0.86 -22.64 -37.04
C LYS A 359 -1.82 -22.16 -35.97
N LYS A 360 -3.02 -21.77 -36.39
CA LYS A 360 -4.07 -21.28 -35.51
C LYS A 360 -4.77 -22.40 -34.74
N VAL A 361 -4.78 -22.26 -33.42
CA VAL A 361 -5.48 -23.19 -32.54
C VAL A 361 -6.39 -22.50 -31.50
N ILE A 362 -6.38 -21.17 -31.45
CA ILE A 362 -7.32 -20.42 -30.62
C ILE A 362 -8.06 -19.45 -31.54
N GLU A 363 -9.36 -19.67 -31.71
CA GLU A 363 -10.16 -18.76 -32.57
C GLU A 363 -10.64 -17.57 -31.78
N ARG A 364 -10.65 -16.40 -32.43
CA ARG A 364 -11.19 -15.18 -31.82
C ARG A 364 -12.73 -15.21 -31.81
N PRO A 365 -13.33 -14.98 -30.66
CA PRO A 365 -14.79 -14.89 -30.62
C PRO A 365 -15.29 -13.69 -31.44
N GLY A 366 -16.47 -13.82 -32.01
CA GLY A 366 -17.03 -12.80 -32.89
C GLY A 366 -16.55 -13.08 -34.26
N GLU A 367 -15.79 -12.15 -34.82
CA GLU A 367 -15.21 -12.33 -36.14
C GLU A 367 -13.96 -13.20 -36.10
N PRO A 368 -13.92 -14.26 -36.89
CA PRO A 368 -12.74 -15.11 -36.91
C PRO A 368 -11.51 -14.40 -37.43
N LEU A 369 -10.36 -14.97 -37.05
CA LEU A 369 -9.08 -14.46 -37.46
C LEU A 369 -8.96 -14.61 -38.96
N PRO A 370 -8.31 -13.66 -39.63
CA PRO A 370 -8.05 -13.74 -41.05
C PRO A 370 -7.00 -14.79 -41.43
N GLU A 371 -7.00 -15.14 -42.71
CA GLU A 371 -6.00 -16.00 -43.32
C GLU A 371 -5.47 -15.24 -44.54
N PRO A 372 -4.16 -14.95 -44.58
CA PRO A 372 -3.15 -15.28 -43.59
C PRO A 372 -3.23 -14.39 -42.35
N LEU A 373 -2.60 -14.87 -41.30
CA LEU A 373 -2.53 -14.17 -40.03
C LEU A 373 -1.43 -13.13 -40.19
N GLU A 374 -1.72 -11.87 -39.86
CA GLU A 374 -0.74 -10.77 -39.97
C GLU A 374 -0.02 -10.42 -38.65
N ARG A 375 -0.54 -10.95 -37.55
CA ARG A 375 0.08 -10.80 -36.24
C ARG A 375 -0.47 -11.91 -35.35
N ALA A 376 0.18 -12.17 -34.23
CA ALA A 376 -0.31 -13.18 -33.30
C ALA A 376 -1.62 -12.76 -32.63
N TYR A 377 -2.50 -13.73 -32.43
CA TYR A 377 -3.70 -13.56 -31.63
C TYR A 377 -3.47 -14.07 -30.20
N GLU A 378 -3.34 -13.12 -29.27
CA GLU A 378 -2.82 -13.41 -27.92
C GLU A 378 -3.86 -13.51 -26.81
N GLU A 379 -5.12 -13.23 -27.14
CA GLU A 379 -6.21 -13.23 -26.16
C GLU A 379 -6.91 -14.57 -26.08
N PRO A 380 -7.71 -14.76 -25.03
CA PRO A 380 -8.46 -15.99 -24.91
C PRO A 380 -9.45 -16.16 -26.07
N GLY A 381 -9.76 -17.40 -26.38
CA GLY A 381 -10.73 -17.71 -27.41
C GLY A 381 -11.31 -19.11 -27.33
N ILE A 382 -11.54 -19.71 -28.48
CA ILE A 382 -12.11 -21.04 -28.55
C ILE A 382 -11.12 -21.96 -29.24
N MET A 383 -10.88 -23.13 -28.66
CA MET A 383 -9.87 -24.02 -29.20
C MET A 383 -10.34 -24.54 -30.56
N VAL A 384 -9.44 -24.56 -31.52
CA VAL A 384 -9.70 -25.03 -32.86
C VAL A 384 -8.47 -25.79 -33.34
N ASN A 385 -8.65 -26.69 -34.30
CA ASN A 385 -7.55 -27.51 -34.82
C ASN A 385 -6.80 -28.20 -33.68
N SER A 386 -7.56 -28.60 -32.67
CA SER A 386 -7.04 -29.11 -31.40
C SER A 386 -7.71 -30.45 -31.03
N GLY A 387 -7.99 -31.28 -32.05
CA GLY A 387 -8.60 -32.60 -31.85
C GLY A 387 -9.83 -32.58 -30.96
N PRO A 388 -9.81 -33.36 -29.85
CA PRO A 388 -11.00 -33.48 -29.03
C PRO A 388 -11.29 -32.26 -28.19
N PHE A 389 -10.38 -31.29 -28.13
CA PHE A 389 -10.61 -30.11 -27.30
C PHE A 389 -11.37 -29.03 -28.07
N ASP A 390 -11.56 -29.25 -29.36
CA ASP A 390 -12.26 -28.27 -30.22
C ASP A 390 -13.56 -27.79 -29.55
N GLY A 391 -13.69 -26.46 -29.48
CA GLY A 391 -14.87 -25.81 -28.92
C GLY A 391 -14.75 -25.36 -27.48
N THR A 392 -13.70 -25.79 -26.81
CA THR A 392 -13.50 -25.44 -25.41
C THR A 392 -13.01 -24.01 -25.31
N GLU A 393 -13.56 -23.26 -24.36
CA GLU A 393 -13.04 -21.93 -24.04
C GLU A 393 -11.62 -22.10 -23.52
N SER A 394 -10.71 -21.29 -24.01
CA SER A 394 -9.27 -21.57 -23.91
C SER A 394 -8.70 -21.58 -22.47
N GLU A 395 -9.22 -20.75 -21.57
CA GLU A 395 -8.72 -20.76 -20.20
C GLU A 395 -9.06 -22.08 -19.52
N GLU A 396 -10.32 -22.50 -19.64
CA GLU A 396 -10.75 -23.85 -19.26
C GLU A 396 -9.92 -24.94 -19.96
N GLY A 397 -9.66 -24.73 -21.25
CA GLY A 397 -8.83 -25.65 -22.04
C GLY A 397 -7.42 -25.83 -21.50
N LYS A 398 -6.87 -24.83 -20.85
CA LYS A 398 -5.59 -25.00 -20.16
C LYS A 398 -5.71 -26.16 -19.16
N ARG A 399 -6.77 -26.13 -18.35
CA ARG A 399 -7.00 -27.13 -17.33
C ARG A 399 -7.28 -28.49 -17.96
N LYS A 400 -8.03 -28.53 -19.06
CA LYS A 400 -8.31 -29.79 -19.75
C LYS A 400 -7.08 -30.41 -20.39
N VAL A 401 -6.24 -29.59 -21.00
CA VAL A 401 -4.97 -30.07 -21.60
C VAL A 401 -4.01 -30.55 -20.47
N ILE A 402 -3.95 -29.82 -19.37
CA ILE A 402 -3.12 -30.25 -18.23
C ILE A 402 -3.55 -31.62 -17.70
N ALA A 403 -4.85 -31.80 -17.50
CA ALA A 403 -5.42 -33.09 -17.05
C ALA A 403 -5.06 -34.23 -18.02
N TRP A 404 -5.17 -33.96 -19.31
CA TRP A 404 -4.86 -34.92 -20.35
C TRP A 404 -3.38 -35.25 -20.41
N LEU A 405 -2.52 -34.23 -20.30
CA LEU A 405 -1.07 -34.45 -20.24
C LEU A 405 -0.70 -35.40 -19.09
N GLU A 406 -1.26 -35.11 -17.91
CA GLU A 406 -0.94 -35.84 -16.69
C GLU A 406 -1.43 -37.27 -16.80
N GLU A 407 -2.64 -37.44 -17.29
CA GLU A 407 -3.22 -38.76 -17.54
C GLU A 407 -2.39 -39.63 -18.50
N LYS A 408 -1.83 -39.01 -19.53
CA LYS A 408 -1.14 -39.75 -20.59
C LYS A 408 0.36 -39.83 -20.43
N GLY A 409 0.91 -39.25 -19.35
CA GLY A 409 2.36 -39.24 -19.12
C GLY A 409 3.14 -38.34 -20.10
N LEU A 410 2.54 -37.23 -20.52
CA LEU A 410 3.13 -36.34 -21.52
C LEU A 410 3.60 -34.99 -20.93
N GLY A 411 3.30 -34.76 -19.67
CA GLY A 411 3.64 -33.53 -18.99
C GLY A 411 2.90 -33.41 -17.69
N LYS A 412 3.05 -32.24 -17.04
CA LYS A 412 2.42 -32.01 -15.77
C LYS A 412 2.10 -30.53 -15.56
N GLY A 413 1.04 -30.29 -14.80
CA GLY A 413 0.61 -28.94 -14.46
C GLY A 413 1.69 -28.31 -13.62
N ARG A 414 1.95 -27.03 -13.86
CA ARG A 414 2.88 -26.23 -13.06
C ARG A 414 2.21 -24.88 -12.83
N VAL A 415 1.80 -24.62 -11.58
CA VAL A 415 1.22 -23.30 -11.22
C VAL A 415 2.34 -22.29 -11.07
N THR A 416 2.18 -21.12 -11.66
CA THR A 416 3.19 -20.06 -11.54
C THR A 416 2.52 -18.75 -11.16
N TYR A 417 3.33 -17.76 -10.84
CA TYR A 417 2.83 -16.47 -10.35
C TYR A 417 3.58 -15.34 -11.03
N ARG A 418 2.87 -14.25 -11.30
CA ARG A 418 3.49 -13.03 -11.77
C ARG A 418 4.42 -12.47 -10.68
N LEU A 419 4.03 -12.69 -9.43
CA LEU A 419 4.76 -12.19 -8.27
C LEU A 419 6.22 -12.61 -8.29
N ARG A 420 7.11 -11.66 -8.08
CA ARG A 420 8.51 -11.97 -7.96
C ARG A 420 9.00 -11.76 -6.55
N ASP A 421 10.17 -12.30 -6.24
CA ASP A 421 10.69 -12.14 -4.89
C ASP A 421 11.09 -10.68 -4.65
N TRP A 422 11.19 -10.35 -3.39
CA TRP A 422 11.21 -8.96 -2.96
C TRP A 422 12.64 -8.49 -2.75
N LEU A 423 13.07 -7.64 -3.67
CA LEU A 423 14.40 -7.05 -3.64
C LEU A 423 14.49 -6.02 -2.49
N ILE A 424 15.27 -6.34 -1.45
CA ILE A 424 15.23 -5.55 -0.19
C ILE A 424 16.46 -4.70 0.09
N SER A 425 17.56 -5.01 -0.57
CA SER A 425 18.83 -4.31 -0.32
C SER A 425 18.88 -3.00 -1.09
N ARG A 426 19.50 -1.99 -0.48
CA ARG A 426 19.55 -0.65 -1.03
C ARG A 426 20.95 -0.06 -0.89
N GLN A 427 21.35 0.71 -1.90
CA GLN A 427 22.67 1.34 -1.96
C GLN A 427 22.63 2.73 -1.30
N ARG A 428 22.14 2.75 -0.07
CA ARG A 428 21.85 3.97 0.68
C ARG A 428 22.36 3.86 2.09
N TYR A 429 22.77 4.99 2.64
CA TYR A 429 23.19 5.04 4.00
C TYR A 429 22.08 4.87 5.04
N TRP A 430 20.96 5.56 4.84
CA TRP A 430 19.97 5.74 5.93
C TRP A 430 18.98 4.56 5.94
N GLY A 431 19.40 3.48 6.55
CA GLY A 431 18.61 2.26 6.60
C GLY A 431 19.31 1.21 7.45
N THR A 432 18.60 0.12 7.72
CA THR A 432 19.08 -0.97 8.56
C THR A 432 20.21 -1.73 7.86
N PRO A 433 21.39 -1.80 8.51
CA PRO A 433 22.46 -2.66 7.98
C PRO A 433 22.04 -4.13 7.90
N ILE A 434 22.40 -4.77 6.80
CA ILE A 434 22.06 -6.18 6.59
C ILE A 434 23.05 -7.01 7.45
N PRO A 435 22.55 -7.87 8.37
CA PRO A 435 23.38 -8.52 9.37
C PRO A 435 24.14 -9.76 8.82
N MET A 436 24.90 -9.53 7.76
CA MET A 436 25.67 -10.61 7.09
C MET A 436 27.12 -10.17 6.92
N VAL A 437 28.01 -11.16 6.82
CA VAL A 437 29.42 -10.95 6.55
C VAL A 437 29.85 -11.81 5.35
N HIS A 438 30.81 -11.28 4.59
CA HIS A 438 31.33 -11.91 3.40
C HIS A 438 32.79 -12.27 3.67
N CYS A 439 33.06 -13.57 3.69
CA CYS A 439 34.36 -14.16 3.99
C CYS A 439 34.87 -14.82 2.73
N GLU A 440 36.14 -14.59 2.41
CA GLU A 440 36.76 -15.09 1.18
C GLU A 440 36.82 -16.63 1.18
N ALA A 441 36.84 -17.23 2.35
CA ALA A 441 36.90 -18.69 2.53
C ALA A 441 35.51 -19.35 2.68
N CYS A 442 34.66 -18.80 3.57
CA CYS A 442 33.36 -19.40 3.91
C CYS A 442 32.19 -19.00 3.03
N GLY A 443 32.30 -17.84 2.39
CA GLY A 443 31.22 -17.26 1.61
C GLY A 443 30.42 -16.30 2.50
N VAL A 444 29.09 -16.31 2.32
CA VAL A 444 28.22 -15.39 3.07
C VAL A 444 27.84 -16.02 4.40
N VAL A 445 28.19 -15.35 5.49
CA VAL A 445 28.01 -15.86 6.84
C VAL A 445 27.18 -14.90 7.68
N PRO A 446 26.16 -15.42 8.40
CA PRO A 446 25.33 -14.52 9.22
C PRO A 446 26.02 -14.02 10.49
N VAL A 447 25.68 -12.80 10.89
CA VAL A 447 26.10 -12.27 12.17
C VAL A 447 25.33 -13.02 13.24
N PRO A 448 26.01 -13.49 14.30
CA PRO A 448 25.28 -14.08 15.42
C PRO A 448 24.27 -13.12 16.06
N GLU A 449 23.12 -13.68 16.44
CA GLU A 449 22.00 -12.99 17.11
C GLU A 449 22.49 -12.14 18.29
N GLU A 450 23.47 -12.67 19.02
CA GLU A 450 23.97 -12.03 20.23
C GLU A 450 24.79 -10.77 19.97
N GLU A 451 25.23 -10.54 18.74
CA GLU A 451 25.95 -9.35 18.38
C GLU A 451 25.07 -8.19 17.85
N LEU A 452 23.78 -8.45 17.67
CA LEU A 452 22.87 -7.42 17.18
C LEU A 452 22.60 -6.39 18.27
N PRO A 453 22.43 -5.11 17.89
CA PRO A 453 22.43 -4.62 16.51
C PRO A 453 23.80 -4.53 15.84
N VAL A 454 23.82 -4.72 14.54
CA VAL A 454 24.89 -4.21 13.71
C VAL A 454 24.58 -2.72 13.48
N LEU A 455 25.30 -1.87 14.21
CA LEU A 455 25.02 -0.45 14.21
C LEU A 455 25.42 0.25 12.92
N LEU A 456 24.54 1.10 12.40
CA LEU A 456 24.94 2.02 11.33
C LEU A 456 26.04 2.88 11.91
N PRO A 457 27.14 3.11 11.15
CA PRO A 457 28.16 4.02 11.63
C PRO A 457 27.63 5.45 11.58
N ASP A 458 28.07 6.31 12.50
CA ASP A 458 27.56 7.70 12.47
C ASP A 458 28.38 8.56 11.52
N LEU A 459 27.98 8.60 10.26
CA LEU A 459 28.59 9.47 9.26
C LEU A 459 28.04 10.87 9.47
N LYS A 460 28.93 11.86 9.62
CA LYS A 460 28.51 13.23 9.94
C LYS A 460 28.40 14.14 8.72
N ASP A 461 29.11 13.83 7.64
CA ASP A 461 29.14 14.71 6.48
C ASP A 461 28.09 14.36 5.43
N VAL A 462 27.16 15.27 5.21
CA VAL A 462 26.08 15.11 4.23
C VAL A 462 26.59 14.68 2.85
N GLU A 463 27.74 15.20 2.43
CA GLU A 463 28.27 14.89 1.11
C GLU A 463 28.79 13.44 1.07
N ASP A 464 29.25 12.94 2.22
CA ASP A 464 29.64 11.53 2.39
C ASP A 464 28.43 10.59 2.22
N ILE A 465 27.31 11.01 2.79
CA ILE A 465 26.06 10.23 2.80
C ILE A 465 25.36 10.23 1.44
N ARG A 466 25.49 11.32 0.69
CA ARG A 466 24.83 11.44 -0.60
C ARG A 466 25.16 10.23 -1.48
N PRO A 467 24.11 9.53 -1.97
CA PRO A 467 24.35 8.30 -2.73
C PRO A 467 24.79 8.60 -4.17
N LYS A 468 25.88 7.97 -4.60
CA LYS A 468 26.46 8.22 -5.91
C LYS A 468 26.49 6.97 -6.83
N GLY A 469 25.91 5.85 -6.38
CA GLY A 469 25.90 4.62 -7.21
C GLY A 469 26.23 3.36 -6.44
N LYS A 470 27.08 3.51 -5.44
CA LYS A 470 27.44 2.42 -4.53
C LYS A 470 26.91 2.79 -3.17
N SER A 471 26.79 1.83 -2.26
CA SER A 471 26.44 2.17 -0.90
C SER A 471 27.49 3.13 -0.34
N PRO A 472 27.05 4.19 0.35
CA PRO A 472 27.99 5.05 1.07
C PRO A 472 28.86 4.30 2.07
N LEU A 473 28.38 3.17 2.57
CA LEU A 473 29.16 2.39 3.53
C LEU A 473 30.38 1.74 2.89
N GLU A 474 30.42 1.64 1.57
CA GLU A 474 31.62 1.15 0.85
C GLU A 474 32.86 2.07 0.99
N ALA A 475 32.65 3.33 1.36
CA ALA A 475 33.77 4.24 1.61
C ALA A 475 34.28 4.14 3.05
N HIS A 476 33.78 3.19 3.85
CA HIS A 476 34.05 3.18 5.29
C HIS A 476 34.56 1.87 5.89
N PRO A 477 35.85 1.55 5.66
CA PRO A 477 36.46 0.31 6.17
C PRO A 477 36.40 0.18 7.69
N GLU A 478 36.29 1.30 8.39
CA GLU A 478 36.14 1.25 9.83
C GLU A 478 34.82 0.60 10.22
N PHE A 479 33.83 0.66 9.33
CA PHE A 479 32.61 -0.12 9.53
C PHE A 479 32.71 -1.57 8.99
N TYR A 480 33.04 -1.71 7.71
CA TYR A 480 32.92 -3.03 7.07
C TYR A 480 34.02 -4.05 7.34
N GLU A 481 35.22 -3.58 7.70
CA GLU A 481 36.30 -4.52 8.07
C GLU A 481 35.96 -5.18 9.40
N THR A 482 35.85 -6.50 9.36
CA THR A 482 35.46 -7.26 10.53
C THR A 482 36.09 -8.68 10.47
N THR A 483 35.71 -9.56 11.37
CA THR A 483 36.16 -10.94 11.33
C THR A 483 34.99 -11.86 10.98
N CYS A 484 35.29 -12.99 10.33
CA CYS A 484 34.27 -13.97 10.00
C CYS A 484 33.79 -14.69 11.26
N PRO A 485 32.45 -14.68 11.51
CA PRO A 485 31.93 -15.42 12.65
C PRO A 485 32.16 -16.93 12.60
N LYS A 486 32.42 -17.45 11.40
CA LYS A 486 32.57 -18.89 11.22
C LYS A 486 34.02 -19.37 11.39
N CYS A 487 34.95 -18.71 10.73
CA CYS A 487 36.35 -19.16 10.72
C CYS A 487 37.33 -18.21 11.42
N GLY A 488 36.88 -17.00 11.77
CA GLY A 488 37.68 -16.04 12.51
C GLY A 488 38.62 -15.21 11.68
N GLY A 489 38.76 -15.52 10.39
CA GLY A 489 39.61 -14.73 9.53
C GLY A 489 38.98 -13.39 9.20
N PRO A 490 39.66 -12.59 8.36
CA PRO A 490 39.13 -11.29 7.95
C PRO A 490 37.94 -11.44 7.01
N ALA A 491 36.93 -10.61 7.22
CA ALA A 491 35.71 -10.65 6.43
C ALA A 491 35.21 -9.21 6.29
N LYS A 492 34.25 -9.02 5.39
CA LYS A 492 33.67 -7.71 5.09
C LYS A 492 32.16 -7.74 5.42
N ARG A 493 31.72 -6.83 6.29
CA ARG A 493 30.28 -6.67 6.53
C ARG A 493 29.58 -6.34 5.22
N ASP A 494 28.36 -6.84 5.06
CA ASP A 494 27.51 -6.36 3.97
C ASP A 494 27.35 -4.84 4.09
N THR A 495 27.40 -4.14 2.97
CA THR A 495 27.35 -2.67 2.96
C THR A 495 26.03 -2.12 2.43
N ASP A 496 25.12 -2.99 2.01
CA ASP A 496 23.78 -2.54 1.64
C ASP A 496 22.87 -2.47 2.88
N THR A 497 21.84 -1.64 2.79
CA THR A 497 20.88 -1.49 3.86
C THR A 497 19.50 -1.96 3.41
N MET A 498 18.63 -2.18 4.39
CA MET A 498 17.26 -2.69 4.13
C MET A 498 16.32 -1.55 3.78
N ASP A 499 15.54 -1.77 2.74
CA ASP A 499 14.46 -0.85 2.37
C ASP A 499 13.53 -0.51 3.54
N THR A 500 13.04 0.73 3.54
CA THR A 500 12.02 1.18 4.49
C THR A 500 10.83 0.23 4.66
N PHE A 501 10.42 -0.45 3.60
CA PHE A 501 9.28 -1.36 3.73
C PHE A 501 9.53 -2.58 4.61
N PHE A 502 10.79 -2.91 4.86
CA PHE A 502 11.09 -3.92 5.89
C PHE A 502 10.55 -3.45 7.24
N ASP A 503 10.95 -2.24 7.61
CA ASP A 503 10.57 -1.61 8.90
C ASP A 503 9.07 -1.61 9.13
N SER A 504 8.33 -1.24 8.10
CA SER A 504 6.90 -1.05 8.22
C SER A 504 6.08 -2.34 8.09
N SER A 505 6.74 -3.45 7.75
CA SER A 505 6.05 -4.72 7.60
C SER A 505 5.70 -5.38 8.94
N TRP A 506 6.22 -4.86 10.05
CA TRP A 506 5.88 -5.41 11.36
C TRP A 506 5.72 -4.40 12.50
N TYR A 507 5.70 -3.10 12.20
CA TYR A 507 5.67 -2.08 13.27
C TYR A 507 4.48 -2.22 14.18
N TYR A 508 3.34 -2.63 13.62
CA TYR A 508 2.07 -2.82 14.33
C TYR A 508 2.19 -3.95 15.40
N LEU A 509 3.13 -4.86 15.20
CA LEU A 509 3.47 -5.82 16.26
C LEU A 509 4.37 -5.19 17.33
N ARG A 510 5.31 -4.33 16.93
CA ARG A 510 6.17 -3.70 17.91
C ARG A 510 5.39 -2.86 18.91
N TYR A 511 4.33 -2.20 18.42
CA TYR A 511 3.45 -1.43 19.31
C TYR A 511 2.87 -2.21 20.47
N THR A 512 2.69 -3.52 20.30
CA THR A 512 2.20 -4.37 21.38
C THR A 512 3.22 -4.66 22.51
N ASP A 513 4.48 -4.34 22.27
CA ASP A 513 5.56 -4.64 23.19
C ASP A 513 6.74 -3.77 22.84
N PRO A 514 6.57 -2.44 22.97
CA PRO A 514 7.46 -1.45 22.37
C PRO A 514 8.85 -1.36 22.99
N HIS A 515 9.06 -1.99 24.14
CA HIS A 515 10.34 -1.84 24.83
C HIS A 515 11.05 -3.17 25.09
N ASN A 516 10.62 -4.25 24.43
CA ASN A 516 11.23 -5.57 24.62
C ASN A 516 12.63 -5.57 24.05
N ASP A 517 13.64 -5.82 24.88
CA ASP A 517 15.01 -5.90 24.39
C ASP A 517 15.55 -7.31 24.21
N ARG A 518 14.67 -8.30 24.25
CA ARG A 518 15.07 -9.69 23.98
C ARG A 518 14.44 -10.34 22.76
N LEU A 519 13.26 -9.84 22.35
CA LEU A 519 12.56 -10.32 21.16
C LEU A 519 11.93 -9.13 20.42
N PRO A 520 11.63 -9.28 19.11
CA PRO A 520 10.82 -8.21 18.47
C PRO A 520 9.56 -7.86 19.26
N PHE A 521 8.97 -8.86 19.89
CA PHE A 521 7.81 -8.75 20.77
C PHE A 521 7.59 -10.11 21.43
N ASP A 522 6.96 -10.09 22.61
CA ASP A 522 6.46 -11.30 23.30
C ASP A 522 5.17 -11.74 22.63
N PRO A 523 5.11 -12.98 22.12
CA PRO A 523 3.88 -13.49 21.55
C PRO A 523 2.64 -13.36 22.44
N GLU A 524 2.76 -13.45 23.77
CA GLU A 524 1.59 -13.28 24.64
C GLU A 524 0.96 -11.90 24.46
N LYS A 525 1.78 -10.88 24.47
CA LYS A 525 1.33 -9.50 24.31
C LYS A 525 0.78 -9.24 22.90
N ALA A 526 1.52 -9.68 21.87
CA ALA A 526 1.08 -9.51 20.50
C ALA A 526 -0.26 -10.17 20.31
N ASN A 527 -0.39 -11.40 20.81
CA ASN A 527 -1.60 -12.17 20.60
C ASN A 527 -2.80 -11.64 21.32
N ALA A 528 -2.58 -10.91 22.40
CA ALA A 528 -3.66 -10.28 23.16
C ALA A 528 -4.25 -9.08 22.39
N TRP A 529 -3.39 -8.36 21.67
CA TRP A 529 -3.82 -7.14 20.94
C TRP A 529 -4.21 -7.36 19.47
N MET A 530 -3.63 -8.38 18.82
CA MET A 530 -3.89 -8.69 17.43
C MET A 530 -5.19 -9.43 17.26
N PRO A 531 -5.77 -9.40 16.03
CA PRO A 531 -5.31 -8.60 14.91
C PRO A 531 -5.76 -7.15 15.11
N VAL A 532 -5.22 -6.26 14.30
CA VAL A 532 -5.75 -4.89 14.16
C VAL A 532 -7.23 -5.00 13.75
N ASP A 533 -8.10 -4.40 14.55
CA ASP A 533 -9.53 -4.45 14.32
C ASP A 533 -9.90 -3.51 13.17
N GLN A 534 -9.30 -2.33 13.19
CA GLN A 534 -9.49 -1.38 12.12
C GLN A 534 -8.20 -0.67 11.77
N TYR A 535 -7.74 -0.89 10.55
CA TYR A 535 -6.60 -0.21 9.99
C TYR A 535 -7.12 0.83 9.02
N ILE A 536 -6.56 2.04 9.10
CA ILE A 536 -6.91 3.11 8.17
C ILE A 536 -5.67 3.68 7.48
N GLY A 537 -5.66 3.65 6.16
CA GLY A 537 -4.65 4.33 5.40
C GLY A 537 -4.84 4.22 3.91
N GLY A 538 -3.94 4.84 3.16
CA GLY A 538 -4.16 5.05 1.73
C GLY A 538 -3.99 3.83 0.83
N VAL A 539 -4.80 3.80 -0.23
CA VAL A 539 -4.76 2.70 -1.25
C VAL A 539 -3.42 2.59 -2.00
N GLU A 540 -2.61 3.63 -1.91
CA GLU A 540 -1.30 3.63 -2.53
C GLU A 540 -0.41 2.48 -2.03
N HIS A 541 -0.76 1.91 -0.88
CA HIS A 541 0.00 0.81 -0.29
C HIS A 541 -0.53 -0.59 -0.64
N ALA A 542 -1.49 -0.68 -1.54
CA ALA A 542 -2.19 -1.95 -1.86
C ALA A 542 -1.24 -3.11 -2.13
N VAL A 543 -0.16 -2.87 -2.90
CA VAL A 543 0.81 -3.96 -3.25
C VAL A 543 2.21 -3.68 -2.67
N LEU A 544 2.28 -2.63 -1.85
CA LEU A 544 3.49 -2.30 -1.12
C LEU A 544 3.25 -2.79 0.29
N HIS A 545 3.14 -1.86 1.24
CA HIS A 545 2.98 -2.21 2.65
C HIS A 545 1.85 -3.20 2.97
N LEU A 546 0.70 -3.05 2.32
CA LEU A 546 -0.44 -3.94 2.59
C LEU A 546 -0.26 -5.39 2.08
N LEU A 547 0.72 -5.61 1.21
CA LEU A 547 1.14 -6.97 0.79
C LEU A 547 2.29 -7.49 1.62
N TYR A 548 3.34 -6.68 1.75
CA TYR A 548 4.53 -7.03 2.53
C TYR A 548 4.26 -7.42 3.99
N SER A 549 3.35 -6.67 4.62
CA SER A 549 2.91 -6.92 5.99
C SER A 549 2.21 -8.27 6.16
N ARG A 550 1.41 -8.65 5.18
CA ARG A 550 0.73 -9.95 5.20
C ARG A 550 1.79 -11.08 5.12
N PHE A 551 2.80 -10.94 4.26
CA PHE A 551 3.98 -11.86 4.22
C PHE A 551 4.68 -11.95 5.57
N PHE A 552 5.03 -10.80 6.18
CA PHE A 552 5.69 -10.80 7.49
C PHE A 552 4.87 -11.50 8.57
N THR A 553 3.57 -11.24 8.57
CA THR A 553 2.72 -11.82 9.59
C THR A 553 2.61 -13.35 9.45
N LYS A 554 2.47 -13.82 8.22
CA LYS A 554 2.43 -15.28 7.99
C LYS A 554 3.76 -15.95 8.35
N PHE A 555 4.89 -15.30 8.05
CA PHE A 555 6.19 -15.79 8.49
C PHE A 555 6.35 -15.87 10.01
N LEU A 556 5.99 -14.81 10.71
CA LEU A 556 6.09 -14.76 12.15
C LEU A 556 5.09 -15.71 12.79
N HIS A 557 3.94 -15.92 12.15
CA HIS A 557 2.99 -16.96 12.55
C HIS A 557 3.67 -18.35 12.44
N ASP A 558 4.25 -18.61 11.27
CA ASP A 558 4.96 -19.89 11.02
C ASP A 558 6.12 -20.12 11.99
N LEU A 559 6.75 -19.05 12.47
CA LEU A 559 7.77 -19.17 13.51
C LEU A 559 7.16 -19.45 14.86
N GLY A 560 5.84 -19.36 14.96
CA GLY A 560 5.10 -19.59 16.20
C GLY A 560 4.92 -18.35 17.05
N MET A 561 5.26 -17.16 16.53
CA MET A 561 5.25 -15.95 17.37
C MET A 561 3.93 -15.19 17.36
N VAL A 562 3.08 -15.49 16.40
CA VAL A 562 1.82 -14.79 16.19
C VAL A 562 0.75 -15.79 15.84
N LYS A 563 -0.37 -15.74 16.56
CA LYS A 563 -1.49 -16.65 16.32
C LYS A 563 -2.23 -16.37 15.00
N VAL A 564 -2.56 -15.12 14.73
CA VAL A 564 -3.24 -14.79 13.48
C VAL A 564 -2.33 -14.97 12.29
N GLU A 565 -2.94 -15.17 11.13
CA GLU A 565 -2.22 -15.17 9.85
C GLU A 565 -2.50 -13.93 9.00
N GLU A 566 -3.41 -13.09 9.46
CA GLU A 566 -3.75 -11.84 8.81
C GLU A 566 -3.66 -10.69 9.83
N PRO A 567 -2.77 -9.72 9.60
CA PRO A 567 -2.53 -8.69 10.62
C PRO A 567 -3.64 -7.64 10.78
N PHE A 568 -4.34 -7.36 9.68
CA PHE A 568 -5.38 -6.34 9.63
C PHE A 568 -6.73 -7.00 9.28
N GLN A 569 -7.57 -7.17 10.28
CA GLN A 569 -8.90 -7.82 10.12
C GLN A 569 -9.84 -6.90 9.34
N GLY A 570 -9.76 -5.60 9.64
CA GLY A 570 -10.48 -4.61 8.87
C GLY A 570 -9.52 -3.57 8.32
N LEU A 571 -9.69 -3.23 7.04
CA LEU A 571 -8.93 -2.19 6.37
C LEU A 571 -9.92 -1.21 5.74
N PHE A 572 -9.71 0.07 6.02
CA PHE A 572 -10.48 1.15 5.41
C PHE A 572 -9.49 2.06 4.74
N THR A 573 -9.63 2.22 3.43
CA THR A 573 -8.81 3.15 2.65
C THR A 573 -9.55 4.48 2.53
N GLN A 574 -8.95 5.52 3.11
CA GLN A 574 -9.56 6.87 3.07
C GLN A 574 -9.17 7.52 1.77
N GLY A 575 -10.13 8.24 1.20
CA GLY A 575 -9.88 9.04 0.03
C GLY A 575 -9.03 10.24 0.35
N MET A 576 -8.35 10.73 -0.67
CA MET A 576 -7.48 11.86 -0.54
C MET A 576 -8.25 13.17 -0.26
N VAL A 577 -7.70 13.96 0.65
CA VAL A 577 -8.06 15.36 0.77
C VAL A 577 -7.42 16.10 -0.40
N LEU A 578 -8.25 16.84 -1.14
CA LEU A 578 -7.79 17.69 -2.21
C LEU A 578 -7.93 19.18 -1.80
N ALA A 579 -7.20 20.05 -2.48
CA ALA A 579 -7.32 21.51 -2.29
C ALA A 579 -7.44 22.19 -3.66
N TRP A 580 -8.30 23.20 -3.76
CA TRP A 580 -8.31 24.09 -4.95
C TRP A 580 -6.93 24.64 -5.26
N THR A 581 -6.47 24.39 -6.48
CA THR A 581 -5.11 24.70 -6.88
C THR A 581 -5.16 25.50 -8.19
N ASP A 582 -4.38 26.57 -8.24
CA ASP A 582 -4.30 27.43 -9.43
C ASP A 582 -3.29 26.80 -10.40
N PHE A 583 -3.76 26.44 -11.59
CA PHE A 583 -2.82 25.89 -12.60
C PHE A 583 -2.28 26.91 -13.61
N GLY A 584 -2.82 28.11 -13.59
CA GLY A 584 -2.32 29.20 -14.39
C GLY A 584 -3.29 29.70 -15.43
N PRO A 585 -2.86 30.68 -16.21
CA PRO A 585 -3.70 31.37 -17.16
C PRO A 585 -4.12 30.50 -18.34
N VAL A 586 -5.29 30.82 -18.87
CA VAL A 586 -5.83 30.22 -20.10
C VAL A 586 -6.44 31.34 -20.95
N GLU A 587 -6.81 31.02 -22.19
CA GLU A 587 -7.59 31.93 -23.02
C GLU A 587 -8.78 31.17 -23.55
N VAL A 588 -9.94 31.82 -23.61
CA VAL A 588 -11.16 31.21 -24.07
C VAL A 588 -11.69 31.89 -25.33
N GLU A 589 -12.01 31.10 -26.35
CA GLU A 589 -12.76 31.61 -27.49
C GLU A 589 -13.89 30.64 -27.75
N GLY A 590 -15.12 31.12 -27.63
CA GLY A 590 -16.30 30.28 -27.80
C GLY A 590 -16.31 29.18 -26.74
N SER A 591 -16.51 27.94 -27.19
CA SER A 591 -16.52 26.79 -26.27
C SER A 591 -15.12 26.20 -25.99
N VAL A 592 -14.06 26.78 -26.58
CA VAL A 592 -12.71 26.20 -26.49
C VAL A 592 -11.75 27.02 -25.63
N VAL A 593 -11.18 26.34 -24.66
CA VAL A 593 -10.21 26.93 -23.75
C VAL A 593 -8.82 26.51 -24.23
N ARG A 594 -8.01 27.50 -24.58
CA ARG A 594 -6.62 27.28 -24.94
C ARG A 594 -5.71 27.25 -23.71
N LEU A 595 -4.88 26.21 -23.59
CA LEU A 595 -3.91 26.11 -22.50
C LEU A 595 -2.51 26.45 -22.96
N PRO A 596 -1.95 27.57 -22.45
CA PRO A 596 -0.54 27.83 -22.64
C PRO A 596 0.30 26.70 -22.10
N GLU A 597 1.50 26.49 -22.67
CA GLU A 597 2.34 25.37 -22.24
C GLU A 597 2.55 25.27 -20.74
N PRO A 598 2.92 26.38 -20.09
CA PRO A 598 3.18 26.20 -18.66
C PRO A 598 1.95 25.72 -17.86
N THR A 599 0.76 26.19 -18.26
CA THR A 599 -0.51 25.75 -17.65
C THR A 599 -0.81 24.28 -17.93
N ARG A 600 -0.66 23.90 -19.20
CA ARG A 600 -0.83 22.51 -19.57
C ARG A 600 0.14 21.60 -18.82
N ILE A 601 1.40 22.00 -18.75
CA ILE A 601 2.42 21.14 -18.11
C ILE A 601 2.10 20.93 -16.60
N ARG A 602 1.67 22.00 -15.94
CA ARG A 602 1.27 21.89 -14.52
C ARG A 602 0.08 21.00 -14.31
N LEU A 603 -0.91 21.08 -15.22
CA LEU A 603 -2.05 20.16 -15.18
C LEU A 603 -1.71 18.71 -15.49
N GLU A 604 -0.57 18.48 -16.15
CA GLU A 604 -0.11 17.13 -16.49
C GLU A 604 -1.08 16.45 -17.44
N ILE A 605 -1.52 17.17 -18.47
CA ILE A 605 -2.44 16.61 -19.46
C ILE A 605 -1.88 16.86 -20.85
N PRO A 606 -2.23 16.00 -21.82
CA PRO A 606 -1.78 16.21 -23.21
C PRO A 606 -2.54 17.27 -24.01
N GLU A 607 -3.73 17.65 -23.57
CA GLU A 607 -4.55 18.61 -24.31
C GLU A 607 -4.02 20.03 -24.23
N SER A 608 -3.91 20.70 -25.40
CA SER A 608 -3.65 22.15 -25.45
C SER A 608 -4.94 22.97 -25.61
N ALA A 609 -6.03 22.24 -25.83
CA ALA A 609 -7.38 22.77 -25.97
C ALA A 609 -8.34 21.86 -25.19
N LEU A 610 -9.22 22.48 -24.39
CA LEU A 610 -10.30 21.79 -23.69
C LEU A 610 -11.62 22.52 -24.01
N SER A 611 -12.72 21.80 -24.12
CA SER A 611 -14.01 22.50 -24.20
C SER A 611 -14.40 22.99 -22.79
N LEU A 612 -15.34 23.93 -22.72
CA LEU A 612 -15.88 24.33 -21.43
C LEU A 612 -16.45 23.13 -20.65
N GLU A 613 -17.05 22.18 -21.39
CA GLU A 613 -17.59 20.95 -20.83
C GLU A 613 -16.49 20.05 -20.27
N ASP A 614 -15.36 19.96 -20.97
CA ASP A 614 -14.18 19.22 -20.47
C ASP A 614 -13.71 19.80 -19.12
N VAL A 615 -13.62 21.13 -19.05
CA VAL A 615 -13.16 21.84 -17.86
C VAL A 615 -14.11 21.51 -16.68
N ARG A 616 -15.42 21.59 -16.93
CA ARG A 616 -16.43 21.24 -15.94
C ARG A 616 -16.30 19.79 -15.50
N LYS A 617 -16.24 18.89 -16.47
CA LYS A 617 -16.21 17.48 -16.18
C LYS A 617 -15.00 17.04 -15.34
N MET A 618 -13.85 17.71 -15.49
CA MET A 618 -12.65 17.39 -14.69
C MET A 618 -12.69 18.06 -13.32
N GLY A 619 -13.77 18.78 -13.02
CA GLY A 619 -13.91 19.45 -11.73
C GLY A 619 -13.23 20.81 -11.63
N ALA A 620 -12.87 21.36 -12.79
CA ALA A 620 -12.17 22.63 -12.84
C ALA A 620 -13.12 23.79 -13.06
N GLU A 621 -12.60 25.00 -12.86
CA GLU A 621 -13.34 26.21 -13.13
C GLU A 621 -12.37 27.32 -13.52
N LEU A 622 -12.87 28.36 -14.19
CA LEU A 622 -12.06 29.46 -14.60
C LEU A 622 -12.40 30.66 -13.72
N ARG A 623 -11.40 31.24 -13.09
CA ARG A 623 -11.60 32.38 -12.20
C ARG A 623 -10.82 33.59 -12.71
N PRO A 624 -11.49 34.76 -12.77
CA PRO A 624 -10.76 35.99 -13.10
C PRO A 624 -9.65 36.28 -12.13
N HIS A 625 -8.49 36.69 -12.65
CA HIS A 625 -7.30 36.94 -11.86
C HIS A 625 -6.95 38.42 -11.94
N GLU A 626 -6.17 38.88 -10.96
CA GLU A 626 -5.68 40.27 -10.95
C GLU A 626 -4.78 40.56 -12.16
N ASP A 627 -4.02 39.57 -12.62
CA ASP A 627 -3.17 39.72 -13.80
C ASP A 627 -3.95 40.00 -15.09
N GLY A 628 -5.29 40.10 -14.98
CA GLY A 628 -6.15 40.37 -16.12
C GLY A 628 -6.50 39.17 -16.98
N THR A 629 -6.03 37.98 -16.60
CA THR A 629 -6.40 36.74 -17.33
C THR A 629 -7.36 35.91 -16.47
N LEU A 630 -8.01 34.94 -17.13
CA LEU A 630 -8.69 33.86 -16.46
C LEU A 630 -7.63 32.83 -16.12
N HIS A 631 -7.67 32.31 -14.90
CA HIS A 631 -6.84 31.19 -14.52
C HIS A 631 -7.73 29.94 -14.38
N LEU A 632 -7.16 28.76 -14.67
CA LEU A 632 -7.85 27.49 -14.50
C LEU A 632 -7.48 26.97 -13.14
N TRP A 633 -8.50 26.78 -12.29
CA TRP A 633 -8.35 26.18 -10.96
C TRP A 633 -9.00 24.82 -10.93
N LYS A 634 -8.42 23.91 -10.14
CA LYS A 634 -8.92 22.56 -10.02
C LYS A 634 -8.50 21.96 -8.66
N PRO A 635 -9.37 21.15 -8.04
CA PRO A 635 -8.91 20.43 -6.85
C PRO A 635 -7.79 19.45 -7.24
N ALA A 636 -6.72 19.46 -6.44
CA ALA A 636 -5.61 18.55 -6.56
C ALA A 636 -5.23 17.98 -5.20
N VAL A 637 -4.70 16.75 -5.22
CA VAL A 637 -4.35 16.07 -3.97
C VAL A 637 -3.49 16.98 -3.12
N MET A 638 -3.87 17.09 -1.85
CA MET A 638 -3.11 17.91 -0.92
C MET A 638 -1.74 17.29 -0.66
N SER A 639 -0.69 18.04 -0.97
CA SER A 639 0.69 17.59 -0.80
C SER A 639 1.67 18.75 -0.93
N LYS A 640 2.89 18.53 -0.46
CA LYS A 640 3.99 19.47 -0.64
C LYS A 640 4.26 19.82 -2.12
N SER A 641 4.37 18.79 -2.95
CA SER A 641 4.67 18.95 -4.37
C SER A 641 3.71 19.88 -5.11
N LYS A 642 2.48 19.99 -4.65
CA LYS A 642 1.52 20.88 -5.33
C LYS A 642 1.49 22.26 -4.65
N GLY A 643 2.19 22.38 -3.52
CA GLY A 643 2.19 23.62 -2.76
C GLY A 643 0.82 24.05 -2.25
N ASN A 644 -0.04 23.06 -1.98
CA ASN A 644 -1.42 23.35 -1.60
C ASN A 644 -1.82 22.79 -0.23
N GLY A 645 -0.84 22.38 0.58
CA GLY A 645 -1.11 21.85 1.93
C GLY A 645 -1.74 22.91 2.83
N VAL A 646 -2.76 22.51 3.59
CA VAL A 646 -3.27 23.33 4.71
C VAL A 646 -2.63 22.77 5.97
N MET A 647 -1.72 23.53 6.58
CA MET A 647 -0.97 23.05 7.72
C MET A 647 -1.73 23.30 8.99
N VAL A 648 -1.50 22.43 9.96
CA VAL A 648 -2.33 22.42 11.17
C VAL A 648 -2.12 23.62 12.07
N GLY A 649 -0.87 24.00 12.31
CA GLY A 649 -0.54 25.06 13.28
C GLY A 649 -1.22 26.37 12.94
N PRO A 650 -1.00 26.88 11.72
CA PRO A 650 -1.66 28.11 11.28
C PRO A 650 -3.16 28.01 11.28
N PHE A 651 -3.71 26.87 10.85
CA PHE A 651 -5.17 26.76 10.81
C PHE A 651 -5.80 26.76 12.21
N VAL A 652 -5.29 25.95 13.13
CA VAL A 652 -5.91 25.89 14.46
C VAL A 652 -5.69 27.19 15.23
N LYS A 653 -4.59 27.87 14.97
CA LYS A 653 -4.37 29.20 15.59
C LYS A 653 -5.40 30.22 15.15
N GLU A 654 -5.71 30.21 13.86
CA GLU A 654 -6.62 31.17 13.23
C GLU A 654 -8.08 30.75 13.43
N GLN A 655 -8.36 29.44 13.46
CA GLN A 655 -9.74 28.94 13.51
C GLN A 655 -9.82 28.03 14.75
N GLY A 656 -9.64 26.72 14.57
CA GLY A 656 -9.52 25.79 15.69
C GLY A 656 -9.52 24.34 15.30
N ALA A 657 -9.22 23.46 16.26
CA ALA A 657 -9.17 21.99 16.01
C ALA A 657 -10.54 21.39 15.72
N ASP A 658 -11.54 21.66 16.56
CA ASP A 658 -12.86 21.07 16.32
C ASP A 658 -13.41 21.57 14.96
N ILE A 659 -13.11 22.80 14.63
CA ILE A 659 -13.52 23.34 13.33
C ILE A 659 -12.89 22.50 12.18
N ALA A 660 -11.60 22.24 12.26
CA ALA A 660 -10.90 21.44 11.25
C ALA A 660 -11.42 20.01 11.22
N ARG A 661 -11.64 19.43 12.41
CA ARG A 661 -12.19 18.04 12.53
C ARG A 661 -13.55 17.88 11.87
N ILE A 662 -14.49 18.78 12.15
CA ILE A 662 -15.81 18.77 11.52
C ILE A 662 -15.70 19.01 10.00
N THR A 663 -14.90 19.98 9.60
CA THR A 663 -14.63 20.25 8.17
C THR A 663 -14.26 18.93 7.47
N ILE A 664 -13.29 18.21 8.03
CA ILE A 664 -12.87 16.93 7.46
C ILE A 664 -13.98 15.91 7.46
N LEU A 665 -14.55 15.68 8.63
CA LEU A 665 -15.40 14.53 8.85
C LEU A 665 -16.75 14.67 8.17
N PHE A 666 -17.22 15.90 7.99
CA PHE A 666 -18.53 16.12 7.39
C PHE A 666 -18.50 16.26 5.85
N ALA A 667 -17.33 16.44 5.28
CA ALA A 667 -17.20 16.85 3.87
C ALA A 667 -17.76 15.85 2.86
N ALA A 668 -17.54 14.56 3.13
CA ALA A 668 -17.89 13.49 2.22
C ALA A 668 -17.73 12.17 2.95
N PRO A 669 -18.25 11.08 2.38
CA PRO A 669 -17.88 9.76 2.93
C PRO A 669 -16.37 9.65 3.02
N PRO A 670 -15.84 9.10 4.13
CA PRO A 670 -14.37 9.06 4.30
C PRO A 670 -13.62 8.22 3.22
N GLU A 671 -14.31 7.28 2.60
CA GLU A 671 -13.73 6.48 1.51
C GLU A 671 -13.63 7.28 0.22
N ASN A 672 -14.38 8.39 0.15
CA ASN A 672 -14.32 9.26 -1.01
C ASN A 672 -13.29 10.32 -0.84
N GLU A 673 -12.84 10.87 -1.96
CA GLU A 673 -12.08 12.09 -1.90
C GLU A 673 -12.96 13.23 -1.40
N MET A 674 -12.30 14.26 -0.88
CA MET A 674 -12.96 15.47 -0.43
C MET A 674 -12.12 16.65 -0.79
N VAL A 675 -12.77 17.79 -0.94
CA VAL A 675 -12.05 19.03 -1.17
C VAL A 675 -12.16 19.86 0.09
N TRP A 676 -11.04 20.27 0.63
CA TRP A 676 -10.96 21.23 1.74
C TRP A 676 -11.42 22.59 1.18
N THR A 677 -12.44 23.18 1.77
CA THR A 677 -12.98 24.45 1.29
C THR A 677 -13.33 25.40 2.43
N GLU A 678 -13.29 26.68 2.10
CA GLU A 678 -13.84 27.72 2.96
C GLU A 678 -15.29 27.50 3.34
N GLU A 679 -16.14 27.05 2.41
CA GLU A 679 -17.52 26.73 2.71
C GLU A 679 -17.62 25.62 3.77
N GLY A 680 -16.76 24.60 3.66
CA GLY A 680 -16.75 23.56 4.69
C GLY A 680 -16.34 24.12 6.05
N VAL A 681 -15.34 24.96 6.06
CA VAL A 681 -14.89 25.60 7.30
C VAL A 681 -16.00 26.44 7.92
N GLN A 682 -16.69 27.22 7.08
CA GLN A 682 -17.78 28.03 7.60
C GLN A 682 -18.94 27.18 8.13
N GLY A 683 -19.20 26.04 7.47
CA GLY A 683 -20.25 25.11 7.89
C GLY A 683 -19.92 24.51 9.23
N ALA A 684 -18.62 24.27 9.48
CA ALA A 684 -18.17 23.70 10.75
C ALA A 684 -18.39 24.72 11.86
N TRP A 685 -17.97 25.97 11.61
CA TRP A 685 -18.25 27.08 12.54
C TRP A 685 -19.73 27.20 12.83
N ARG A 686 -20.58 27.14 11.81
CA ARG A 686 -22.03 27.29 12.03
C ARG A 686 -22.60 26.23 12.99
N PHE A 687 -22.21 24.98 12.78
CA PHE A 687 -22.66 23.86 13.58
C PHE A 687 -22.18 23.97 15.03
N LEU A 688 -20.88 24.16 15.21
CA LEU A 688 -20.32 24.33 16.57
C LEU A 688 -20.91 25.53 17.30
N ASN A 689 -21.10 26.64 16.59
CA ASN A 689 -21.75 27.83 17.18
C ASN A 689 -23.17 27.54 17.64
N ARG A 690 -23.90 26.80 16.81
CA ARG A 690 -25.28 26.43 17.08
C ARG A 690 -25.41 25.46 18.26
N ILE A 691 -24.44 24.56 18.42
CA ILE A 691 -24.42 23.69 19.60
C ILE A 691 -24.22 24.56 20.85
N TYR A 692 -23.20 25.41 20.79
CA TYR A 692 -22.84 26.25 21.94
C TYR A 692 -24.04 27.13 22.36
N ARG A 693 -24.63 27.80 21.38
CA ARG A 693 -25.77 28.68 21.61
C ARG A 693 -26.94 27.99 22.30
N ARG A 694 -27.25 26.78 21.87
CA ARG A 694 -28.38 26.03 22.44
C ARG A 694 -28.11 25.75 23.92
N VAL A 695 -26.91 25.28 24.24
CA VAL A 695 -26.59 24.91 25.60
C VAL A 695 -26.43 26.16 26.49
N ALA A 696 -25.81 27.19 25.94
CA ALA A 696 -25.66 28.47 26.67
C ALA A 696 -27.01 29.10 26.98
N GLU A 697 -27.93 29.05 26.02
CA GLU A 697 -29.27 29.60 26.22
C GLU A 697 -29.96 28.91 27.40
N ASP A 698 -29.70 27.62 27.55
CA ASP A 698 -30.39 26.81 28.55
C ASP A 698 -29.60 26.49 29.81
N ARG A 699 -28.42 27.09 29.95
CA ARG A 699 -27.50 26.67 30.99
C ARG A 699 -28.10 26.79 32.42
N GLU A 700 -28.70 27.95 32.68
CA GLU A 700 -29.30 28.23 34.00
C GLU A 700 -30.39 27.25 34.36
N ALA A 701 -31.31 27.02 33.42
CA ALA A 701 -32.40 26.07 33.62
C ALA A 701 -31.88 24.65 33.74
N LEU A 702 -30.88 24.26 32.95
CA LEU A 702 -30.31 22.93 33.04
C LEU A 702 -29.70 22.64 34.42
N LEU A 703 -29.03 23.64 34.98
CA LEU A 703 -28.41 23.52 36.29
C LEU A 703 -29.45 23.26 37.39
N GLU A 704 -30.69 23.75 37.21
CA GLU A 704 -31.74 23.54 38.21
C GLU A 704 -32.67 22.33 37.95
N THR A 705 -32.28 21.50 36.98
CA THR A 705 -33.08 20.37 36.53
C THR A 705 -32.32 19.08 36.79
N SER A 706 -33.03 18.10 37.29
CA SER A 706 -32.51 16.75 37.38
C SER A 706 -32.69 16.06 36.03
N GLY A 707 -31.86 15.08 35.73
CA GLY A 707 -31.98 14.32 34.49
C GLY A 707 -32.85 13.08 34.62
N VAL A 708 -33.36 12.80 35.83
CA VAL A 708 -34.10 11.56 36.09
C VAL A 708 -35.56 11.69 35.65
N PHE A 709 -36.03 10.70 34.90
CA PHE A 709 -37.43 10.60 34.51
C PHE A 709 -37.77 9.16 34.19
N GLN A 710 -39.07 8.91 34.02
CA GLN A 710 -39.55 7.62 33.60
C GLN A 710 -40.10 7.78 32.19
N ALA A 711 -39.43 7.14 31.22
CA ALA A 711 -39.74 7.28 29.82
C ALA A 711 -41.20 6.96 29.52
N GLU A 712 -41.74 5.95 30.21
CA GLU A 712 -43.10 5.51 29.97
C GLU A 712 -44.19 6.48 30.46
N ALA A 713 -43.82 7.45 31.29
CA ALA A 713 -44.73 8.52 31.69
C ALA A 713 -44.63 9.77 30.81
N LEU A 714 -43.68 9.85 29.89
CA LEU A 714 -43.61 11.02 29.02
C LEU A 714 -44.82 11.11 28.08
N GLU A 715 -45.24 12.34 27.78
CA GLU A 715 -46.33 12.58 26.86
C GLU A 715 -45.94 13.67 25.86
N GLY A 716 -46.69 13.75 24.77
CA GLY A 716 -46.58 14.83 23.81
C GLY A 716 -45.16 14.99 23.28
N LYS A 717 -44.69 16.23 23.18
CA LYS A 717 -43.35 16.51 22.65
C LYS A 717 -42.21 15.89 23.45
N ASP A 718 -42.41 15.67 24.74
CA ASP A 718 -41.41 15.01 25.58
C ASP A 718 -41.18 13.58 25.13
N ARG A 719 -42.28 12.89 24.84
CA ARG A 719 -42.22 11.50 24.37
C ARG A 719 -41.59 11.47 22.98
N GLU A 720 -41.97 12.42 22.13
CA GLU A 720 -41.41 12.53 20.83
C GLU A 720 -39.89 12.74 20.85
N LEU A 721 -39.42 13.61 21.75
CA LEU A 721 -37.99 13.92 21.82
C LEU A 721 -37.21 12.68 22.27
N TYR A 722 -37.78 11.92 23.20
CA TYR A 722 -37.16 10.69 23.69
C TYR A 722 -36.94 9.67 22.55
N GLY A 723 -37.93 9.55 21.67
CA GLY A 723 -37.86 8.70 20.50
C GLY A 723 -36.81 9.17 19.53
N LYS A 724 -36.79 10.49 19.26
CA LYS A 724 -35.80 11.08 18.36
C LYS A 724 -34.37 10.91 18.91
N LEU A 725 -34.22 11.05 20.22
CA LEU A 725 -32.95 10.85 20.90
C LEU A 725 -32.38 9.46 20.65
N HIS A 726 -33.21 8.44 20.86
CA HIS A 726 -32.76 7.06 20.65
C HIS A 726 -32.57 6.69 19.19
N GLU A 727 -33.40 7.25 18.31
CA GLU A 727 -33.15 7.11 16.87
C GLU A 727 -31.79 7.67 16.47
N THR A 728 -31.48 8.84 17.01
CA THR A 728 -30.20 9.47 16.79
C THR A 728 -29.04 8.61 17.34
N LEU A 729 -29.19 8.13 18.56
CA LEU A 729 -28.17 7.29 19.18
C LEU A 729 -27.90 6.05 18.30
N LYS A 730 -28.97 5.39 17.86
CA LYS A 730 -28.80 4.18 17.00
C LYS A 730 -28.01 4.53 15.76
N LYS A 731 -28.41 5.60 15.10
CA LYS A 731 -27.81 5.99 13.85
C LYS A 731 -26.35 6.37 14.01
N VAL A 732 -26.05 7.18 15.03
CA VAL A 732 -24.69 7.61 15.29
C VAL A 732 -23.78 6.44 15.67
N THR A 733 -24.26 5.56 16.52
CA THR A 733 -23.49 4.38 16.96
C THR A 733 -23.16 3.47 15.74
N GLU A 734 -24.18 3.13 14.96
CA GLU A 734 -23.98 2.28 13.77
C GLU A 734 -23.10 2.93 12.71
N ASP A 735 -23.26 4.23 12.50
CA ASP A 735 -22.38 4.96 11.59
C ASP A 735 -20.95 4.95 12.07
N LEU A 736 -20.71 5.18 13.36
CA LEU A 736 -19.37 5.11 13.93
C LEU A 736 -18.72 3.74 13.69
N GLU A 737 -19.47 2.67 13.98
CA GLU A 737 -18.97 1.31 13.81
C GLU A 737 -18.55 1.05 12.35
N ALA A 738 -19.27 1.63 11.41
CA ALA A 738 -19.04 1.51 9.95
C ALA A 738 -18.13 2.58 9.33
N LEU A 739 -17.59 3.48 10.17
CA LEU A 739 -16.79 4.62 9.71
C LEU A 739 -17.59 5.52 8.75
N ARG A 740 -18.90 5.57 8.89
CA ARG A 740 -19.75 6.52 8.15
C ARG A 740 -19.78 7.88 8.91
N PHE A 741 -18.62 8.55 8.99
CA PHE A 741 -18.49 9.69 9.92
C PHE A 741 -19.31 10.91 9.50
N ASN A 742 -19.50 11.09 8.21
CA ASN A 742 -20.22 12.26 7.72
C ASN A 742 -21.70 12.17 8.01
N THR A 743 -22.28 10.97 7.86
CA THR A 743 -23.70 10.77 8.14
C THR A 743 -23.95 10.76 9.64
N ALA A 744 -22.97 10.34 10.44
CA ALA A 744 -23.09 10.46 11.90
C ALA A 744 -23.27 11.95 12.31
N ILE A 745 -22.46 12.81 11.71
CA ILE A 745 -22.49 14.24 11.97
C ILE A 745 -23.83 14.81 11.46
N ALA A 746 -24.26 14.35 10.28
CA ALA A 746 -25.57 14.75 9.76
C ALA A 746 -26.69 14.43 10.74
N ALA A 747 -26.64 13.24 11.35
CA ALA A 747 -27.62 12.83 12.35
C ALA A 747 -27.55 13.75 13.59
N LEU A 748 -26.36 14.13 14.01
CA LEU A 748 -26.24 15.09 15.11
C LEU A 748 -26.76 16.51 14.74
N MET A 749 -26.55 16.92 13.50
CA MET A 749 -27.08 18.19 13.01
C MET A 749 -28.60 18.18 13.02
N GLU A 750 -29.18 17.09 12.53
CA GLU A 750 -30.63 16.93 12.52
C GLU A 750 -31.20 16.89 13.94
N PHE A 751 -30.54 16.17 14.86
CA PHE A 751 -31.04 16.11 16.22
C PHE A 751 -30.87 17.48 16.93
N LEU A 752 -29.83 18.21 16.60
CA LEU A 752 -29.68 19.58 17.11
C LEU A 752 -30.86 20.44 16.66
N ASN A 753 -31.24 20.32 15.39
CA ASN A 753 -32.46 20.98 14.93
C ASN A 753 -33.71 20.56 15.73
N ALA A 754 -33.83 19.27 16.03
CA ALA A 754 -34.91 18.76 16.88
C ALA A 754 -34.90 19.41 18.28
N LEU A 755 -33.72 19.61 18.83
CA LEU A 755 -33.61 20.23 20.15
C LEU A 755 -34.10 21.70 20.12
N TYR A 756 -33.75 22.44 19.07
CA TYR A 756 -34.27 23.78 18.87
C TYR A 756 -35.78 23.75 18.71
N GLU A 757 -36.28 22.84 17.89
CA GLU A 757 -37.74 22.74 17.67
C GLU A 757 -38.50 22.40 18.95
N TYR A 758 -37.95 21.45 19.71
CA TYR A 758 -38.49 21.11 21.02
C TYR A 758 -38.65 22.31 21.94
N ARG A 759 -37.61 23.12 22.01
CA ARG A 759 -37.58 24.24 22.92
C ARG A 759 -38.48 25.40 22.51
N LYS A 760 -38.96 25.41 21.28
CA LYS A 760 -40.03 26.35 20.93
C LYS A 760 -41.32 26.10 21.73
N ASP A 761 -41.61 24.83 22.01
CA ASP A 761 -42.84 24.43 22.72
C ASP A 761 -42.66 24.10 24.18
N ARG A 762 -41.48 23.59 24.53
CA ARG A 762 -41.29 22.99 25.83
C ARG A 762 -40.15 23.63 26.58
N PRO A 763 -40.23 23.63 27.91
CA PRO A 763 -39.15 24.17 28.70
C PRO A 763 -38.02 23.16 28.84
N VAL A 764 -36.99 23.56 29.54
CA VAL A 764 -35.94 22.66 29.92
C VAL A 764 -36.53 21.65 30.92
N THR A 765 -36.56 20.39 30.54
CA THR A 765 -37.19 19.31 31.29
C THR A 765 -36.12 18.27 31.57
N PRO A 766 -36.39 17.32 32.51
CA PRO A 766 -35.49 16.18 32.70
C PRO A 766 -35.11 15.42 31.43
N VAL A 767 -36.08 15.14 30.57
CA VAL A 767 -35.78 14.44 29.32
C VAL A 767 -34.86 15.29 28.43
N TYR A 768 -35.10 16.59 28.38
CA TYR A 768 -34.22 17.50 27.62
C TYR A 768 -32.80 17.51 28.16
N ARG A 769 -32.67 17.54 29.49
CA ARG A 769 -31.36 17.47 30.13
C ARG A 769 -30.64 16.18 29.76
N THR A 770 -31.34 15.05 29.79
CA THR A 770 -30.76 13.79 29.36
C THR A 770 -30.39 13.84 27.87
N ALA A 771 -31.23 14.48 27.04
CA ALA A 771 -30.89 14.61 25.63
C ALA A 771 -29.61 15.39 25.44
N ILE A 772 -29.45 16.46 26.21
CA ILE A 772 -28.21 17.25 26.16
C ILE A 772 -27.01 16.42 26.60
N ARG A 773 -27.18 15.65 27.68
CA ARG A 773 -26.13 14.78 28.18
C ARG A 773 -25.66 13.82 27.11
N TYR A 774 -26.64 13.11 26.54
CA TYR A 774 -26.35 12.17 25.47
C TYR A 774 -25.73 12.81 24.23
N TYR A 775 -26.19 14.02 23.91
CA TYR A 775 -25.67 14.77 22.77
C TYR A 775 -24.18 15.03 22.90
N LEU A 776 -23.76 15.48 24.08
CA LEU A 776 -22.36 15.72 24.36
C LEU A 776 -21.51 14.45 24.32
N GLN A 777 -22.04 13.35 24.85
CA GLN A 777 -21.39 12.06 24.71
C GLN A 777 -21.22 11.67 23.21
N MET A 778 -22.31 11.76 22.44
CA MET A 778 -22.25 11.47 20.99
C MET A 778 -21.36 12.42 20.19
N LEU A 779 -21.26 13.67 20.64
CA LEU A 779 -20.37 14.67 20.00
C LEU A 779 -18.88 14.45 20.25
N PHE A 780 -18.53 13.84 21.38
CA PHE A 780 -17.15 13.75 21.86
C PHE A 780 -16.16 13.15 20.86
N PRO A 781 -16.54 12.05 20.15
CA PRO A 781 -15.55 11.53 19.21
C PRO A 781 -15.20 12.52 18.05
N PHE A 782 -16.13 13.42 17.73
CA PHE A 782 -16.03 14.31 16.58
C PHE A 782 -15.42 15.67 16.93
N ALA A 783 -15.99 16.33 17.92
CA ALA A 783 -15.56 17.64 18.39
C ALA A 783 -15.32 17.53 19.90
N PRO A 784 -14.24 16.82 20.31
CA PRO A 784 -14.07 16.51 21.70
C PRO A 784 -13.84 17.73 22.60
N HIS A 785 -13.26 18.80 22.07
CA HIS A 785 -12.89 19.95 22.91
C HIS A 785 -14.16 20.68 23.37
N LEU A 786 -15.03 21.04 22.42
CA LEU A 786 -16.31 21.65 22.78
C LEU A 786 -17.18 20.75 23.66
N ALA A 787 -17.23 19.46 23.34
CA ALA A 787 -18.03 18.52 24.08
C ALA A 787 -17.60 18.50 25.55
N GLU A 788 -16.30 18.41 25.76
CA GLU A 788 -15.71 18.40 27.11
C GLU A 788 -15.95 19.73 27.85
N GLU A 789 -15.80 20.82 27.13
CA GLU A 789 -16.09 22.17 27.68
C GLU A 789 -17.50 22.27 28.24
N LEU A 790 -18.50 21.93 27.41
CA LEU A 790 -19.90 22.06 27.80
C LEU A 790 -20.28 20.99 28.84
N TRP A 791 -19.68 19.81 28.74
CA TRP A 791 -19.96 18.73 29.70
C TRP A 791 -19.69 19.23 31.13
N HIS A 792 -18.56 19.89 31.26
CA HIS A 792 -18.09 20.43 32.57
C HIS A 792 -18.92 21.58 33.12
N TRP A 793 -19.81 22.16 32.29
CA TRP A 793 -20.79 23.12 32.82
C TRP A 793 -21.77 22.46 33.79
N PHE A 794 -22.01 21.15 33.64
CA PHE A 794 -23.06 20.44 34.38
C PHE A 794 -22.62 19.20 35.13
N TRP A 795 -21.56 18.55 34.67
CA TRP A 795 -21.10 17.24 35.20
C TRP A 795 -19.62 17.31 35.61
N PRO A 796 -19.20 16.52 36.61
CA PRO A 796 -17.85 16.61 37.25
C PRO A 796 -16.61 15.97 36.54
N ASP A 797 -16.80 14.78 35.96
CA ASP A 797 -15.71 14.03 35.36
C ASP A 797 -15.63 14.14 33.78
N SER A 798 -14.61 13.57 33.17
CA SER A 798 -14.36 13.65 31.74
C SER A 798 -15.49 12.91 31.01
N LEU A 799 -15.80 13.34 29.80
CA LEU A 799 -16.52 12.49 28.87
C LEU A 799 -15.91 11.07 28.68
N PHE A 800 -14.61 10.91 28.81
CA PHE A 800 -14.01 9.57 28.74
C PHE A 800 -14.53 8.63 29.82
N GLU A 801 -15.02 9.19 30.91
CA GLU A 801 -15.48 8.41 32.05
C GLU A 801 -16.98 8.21 32.08
N ALA A 802 -17.69 8.87 31.16
CA ALA A 802 -19.15 8.90 31.16
C ALA A 802 -19.76 7.68 30.47
N GLY A 803 -18.97 6.94 29.73
CA GLY A 803 -19.49 5.81 28.97
C GLY A 803 -20.12 6.26 27.67
N TRP A 804 -20.63 5.28 26.93
CA TRP A 804 -21.46 5.53 25.75
C TRP A 804 -22.94 5.29 26.10
N PRO A 805 -23.83 6.21 25.66
CA PRO A 805 -25.23 6.03 26.06
C PRO A 805 -25.84 4.71 25.61
N GLU A 806 -26.71 4.17 26.45
CA GLU A 806 -27.37 2.90 26.22
C GLU A 806 -28.64 3.12 25.40
N LEU A 807 -28.77 2.38 24.31
CA LEU A 807 -29.91 2.48 23.41
C LEU A 807 -31.14 1.82 24.00
N ASP A 808 -32.26 2.53 23.91
CA ASP A 808 -33.57 2.00 24.33
C ASP A 808 -34.28 1.57 23.06
N GLU A 809 -34.25 0.25 22.82
CA GLU A 809 -34.83 -0.30 21.60
C GLU A 809 -36.35 -0.11 21.54
N LYS A 810 -37.00 -0.11 22.71
CA LYS A 810 -38.45 0.13 22.79
C LYS A 810 -38.83 1.55 22.31
N ALA A 811 -37.91 2.49 22.51
CA ALA A 811 -38.12 3.87 22.05
C ALA A 811 -38.16 3.97 20.53
N LEU A 812 -37.68 2.95 19.84
CA LEU A 812 -37.59 2.98 18.38
C LEU A 812 -38.88 2.49 17.72
N GLU A 813 -39.72 1.81 18.50
CA GLU A 813 -41.01 1.25 18.02
C GLU A 813 -42.03 2.36 17.77
N LEU B . 4.91 5.58 6.24
CA LEU B . 3.90 5.21 5.17
C LEU B . 3.13 6.41 4.58
O LEU B . 2.43 6.34 3.57
CB LEU B . 2.91 4.22 5.76
CG LEU B . 3.45 2.87 6.20
CD1 LEU B . 2.34 2.09 6.89
CD2 LEU B . 4.02 2.14 4.99
N9 LMS C . -2.25 10.83 3.46
C8 LMS C . -1.26 11.56 2.94
N7 LMS C . -1.75 12.60 2.23
C5 LMS C . -3.09 12.52 2.28
C6 LMS C . -4.22 13.29 1.71
N6 LMS C . -3.95 14.36 0.94
N1 LMS C . -5.47 12.89 2.01
C2 LMS C . -5.71 11.77 2.75
N3 LMS C . -4.73 11.03 3.31
C4 LMS C . -3.42 11.35 3.11
N LMS C . 3.17 9.21 3.23
S LMS C . 2.93 9.00 4.66
O1P LMS C . 3.45 7.67 5.27
O2P LMS C . 3.44 10.01 5.60
O5' LMS C . 1.35 8.91 4.73
C5' LMS C . 0.71 8.59 5.96
C4' LMS C . -0.76 8.42 5.72
O4' LMS C . -1.27 9.73 5.40
C3' LMS C . -1.12 7.49 4.56
O3' LMS C . -2.21 6.65 4.94
C2' LMS C . -1.56 8.44 3.46
O2' LMS C . -2.53 7.90 2.55
C1' LMS C . -2.14 9.60 4.29
ZN ZN D . 35.11 -17.45 7.20
ZN ZN E . 13.74 7.53 -7.08
CB ANZ F . 3.62 -21.45 -25.45
CG ANZ F . 3.02 -20.06 -25.56
CD1 ANZ F . 1.96 -19.70 -26.41
CD2 ANZ F . 3.59 -19.17 -24.67
CE1 ANZ F . 1.52 -18.35 -26.38
CE2 ANZ F . 3.17 -17.84 -24.64
CZ ANZ F . 2.11 -17.44 -25.50
P ANZ F . 7.72 -17.40 -18.07
O1P ANZ F . 7.92 -16.01 -18.66
O2P ANZ F . 6.55 -17.42 -17.09
O3P ANZ F . 9.03 -18.10 -17.71
N9 ANZ F . 9.10 -18.85 -22.04
C8 ANZ F . 9.22 -19.88 -21.15
N7 ANZ F . 10.52 -20.04 -20.82
C5 ANZ F . 11.20 -19.10 -21.51
C6 ANZ F . 12.54 -18.78 -21.58
N6 ANZ F . 13.38 -19.54 -20.82
N1 ANZ F . 12.98 -17.77 -22.38
C2 ANZ F . 12.08 -17.06 -23.13
N3 ANZ F . 10.75 -17.34 -23.08
C4 ANZ F . 10.30 -18.35 -22.28
O5' ANZ F . 7.11 -18.22 -19.34
C5' ANZ F . 5.91 -17.76 -19.95
C4' ANZ F . 5.95 -17.99 -21.45
O4' ANZ F . 7.15 -17.41 -21.98
C3' ANZ F . 5.91 -19.48 -21.81
O3' ANZ F . 4.68 -19.88 -22.36
C2' ANZ F . 6.93 -19.53 -22.93
O2' ANZ F . 6.17 -19.38 -24.12
C1' ANZ F . 7.87 -18.36 -22.71
F ANZ F . 0.49 -18.02 -27.19
O1 ANZ F . 4.61 -21.23 -24.42
B ANZ F . 4.73 -19.76 -23.86
S SO4 G . -49.00 11.09 24.17
O1 SO4 G . -48.02 10.45 25.03
O2 SO4 G . -49.25 12.48 24.48
O3 SO4 G . -50.21 10.29 24.33
O4 SO4 G . -48.59 11.05 22.77
S SO4 H . -28.18 13.78 35.47
O1 SO4 H . -27.80 12.44 35.07
O2 SO4 H . -27.06 14.39 36.12
O3 SO4 H . -29.28 13.77 36.44
O4 SO4 H . -28.58 14.55 34.26
S SO4 I . -13.71 -12.30 -1.23
O1 SO4 I . -12.72 -11.78 -0.29
O2 SO4 I . -14.99 -12.45 -0.56
O3 SO4 I . -13.27 -13.62 -1.72
O4 SO4 I . -13.83 -11.36 -2.35
S SO4 J . 15.43 -8.50 -37.94
O1 SO4 J . 15.31 -9.34 -36.76
O2 SO4 J . 15.90 -7.18 -37.51
O3 SO4 J . 14.10 -8.39 -38.55
O4 SO4 J . 16.36 -9.08 -38.90
S SO4 K . -38.40 29.45 27.50
O1 SO4 K . -38.92 28.08 27.30
O2 SO4 K . -37.00 29.44 27.90
O3 SO4 K . -39.19 30.09 28.55
O4 SO4 K . -38.51 30.22 26.25
#